data_8P97
#
_entry.id   8P97
#
_cell.length_a   1.00
_cell.length_b   1.00
_cell.length_c   1.00
_cell.angle_alpha   90.00
_cell.angle_beta   90.00
_cell.angle_gamma   90.00
#
_symmetry.space_group_name_H-M   'P 1'
#
loop_
_entity.id
_entity.type
_entity.pdbx_description
1 polymer 'TonB-dependent receptor'
2 polymer 'Putative surface layer protein'
3 non-polymer CYANOCOBALAMIN
#
loop_
_entity_poly.entity_id
_entity_poly.type
_entity_poly.pdbx_seq_one_letter_code
_entity_poly.pdbx_strand_id
1 'polypeptide(L)'
;MSGQQHSSDNKNWAEKGIVIREVEILGKRPMKDIGVQQTRFDSLVLKENIALSMADILTFNSSIFVKSYGRATLSTVSFR
GTSASHTQVTWNGMRINNPMLGMTDFSMIPSYFIDDASLLHGTSSVNMAGGGLGGLVKLSTVPAHQEGFGMQYVQGIGSF
STFDEFLQLKYGDKHWQISTRAVYQSSPNDYKYRNHDKKENIYDDKYNIIEQYYPIERNRSGAYKDLHILQEVYYNTGKG
DRFGLNAWYTDSNRELALLTTDQGDLMDFENRQREHTLRSVLSWDHTRENWKVSARGGYVHTWLAYDYKRDLGNGIMATM
TRSRSKVNTFYGQLDGEYFFSDKLLLTAGVSAHQHLVNSLDKDLNKDDNKNDKYGQGRKNDSIVYFDKGRIELSGNVSLK
WQPVNRLGMSLVLRGEMFGTKWAPVIPAFFVDYVLSKRGNIMAKASITRNYRFPTLNDLYFLPGGNPALNNESGFTYETG
LSFSVDKDNVYTLSGSASWFDQHINDWIIWLPTSKGFYSPVNLKKVHAYGVEVQADYAVAIDKAWKLGLNGTFAWTPSIN
EGEPTSKADQSVGKQLPYIPEYSATLSGRLTYRSWGLLYKWCYYSERYTMTSNAVSYTGHLPPYLMSNVTLEKGFSLRWA
DLSLKGTVNNLFDEEYLSVLSRPMPGINFEFFIGITPKWGKKKKGGGHHHHHH
;
A
2 'polypeptide(L)'
;MKRILLSVLFIVFCLTAFVGCMKWDYGKMEPFRATGDGLFIMNEGNFQYGNATLSYYDPETKKVENEIFYRANAMKLGDV
AQSMIVRDTIGWVVVNNSHVIFAISTNTFKEVGRITGLTSPRYIHFISDEKAYITQIWDYRIFIVNPKTYQITGYIECPD
MTMETGSTEQMVQYGKYVYVNCWSYQNRILKIDTTTDKVVDQLTVGIQPTSLVMDKNFKMWTITDGGYKGSPYGYEEPSL
YRIDAETFKIEKQFKFQLGDAPSEVQLNGAGDELYWINKDIWRMSVDEERVPVRPFLKYRDTKYYGLTVSPKNGDVYVAD
AIDYQQQGMIYRYTEDGELVDEFYVGIIPGAFCWK
;
B
#
loop_
_chem_comp.id
_chem_comp.type
_chem_comp.name
_chem_comp.formula
CNC non-polymer CYANOCOBALAMIN 'C63 H89 Co N14 O14 P 2'
#
# COMPACT_ATOMS: atom_id res chain seq x y z
N LYS A 28 -18.39 36.55 -15.18
CA LYS A 28 -17.30 36.24 -14.25
C LYS A 28 -16.65 34.91 -14.60
N ARG A 29 -17.27 33.83 -14.14
CA ARG A 29 -16.76 32.51 -14.42
C ARG A 29 -16.86 32.20 -15.91
N PRO A 30 -15.92 31.42 -16.45
CA PRO A 30 -16.04 31.00 -17.85
C PRO A 30 -17.17 30.00 -18.03
N MET A 31 -17.62 29.89 -19.27
CA MET A 31 -18.71 28.97 -19.59
C MET A 31 -18.31 27.52 -19.30
N LYS A 32 -17.02 27.20 -19.41
CA LYS A 32 -16.56 25.85 -19.16
C LYS A 32 -16.67 25.48 -17.68
N ASP A 33 -16.50 26.44 -16.78
CA ASP A 33 -16.46 26.20 -15.34
C ASP A 33 -17.84 26.24 -14.71
N ILE A 34 -18.89 25.92 -15.47
CA ILE A 34 -20.25 26.08 -14.98
C ILE A 34 -20.61 24.93 -14.05
N GLY A 35 -21.02 25.26 -12.83
CA GLY A 35 -21.45 24.27 -11.86
C GLY A 35 -20.39 23.24 -11.52
N VAL A 36 -19.13 23.64 -11.45
CA VAL A 36 -18.01 22.72 -11.27
C VAL A 36 -17.33 23.04 -9.93
N GLN A 37 -17.09 22.00 -9.14
CA GLN A 37 -16.40 22.12 -7.86
C GLN A 37 -14.95 21.68 -8.06
N GLN A 38 -14.01 22.58 -7.82
CA GLN A 38 -12.60 22.29 -8.04
C GLN A 38 -11.75 23.22 -7.20
N THR A 39 -10.49 22.82 -7.01
CA THR A 39 -9.50 23.65 -6.33
C THR A 39 -8.30 23.82 -7.25
N ARG A 40 -7.72 25.03 -7.21
CA ARG A 40 -6.64 25.41 -8.11
C ARG A 40 -5.40 25.73 -7.30
N PHE A 41 -4.28 25.09 -7.64
CA PHE A 41 -3.01 25.36 -6.99
C PHE A 41 -2.28 26.43 -7.79
N ASP A 42 -2.04 27.57 -7.15
CA ASP A 42 -1.36 28.69 -7.79
C ASP A 42 0.15 28.51 -7.72
N SER A 43 0.89 29.42 -8.36
CA SER A 43 2.30 29.21 -8.62
C SER A 43 3.11 29.15 -7.33
N LEU A 44 2.84 30.04 -6.37
CA LEU A 44 3.66 30.12 -5.19
C LEU A 44 3.46 28.92 -4.26
N VAL A 45 2.35 28.21 -4.38
CA VAL A 45 2.21 26.94 -3.66
C VAL A 45 3.11 25.87 -4.28
N LEU A 46 3.13 25.79 -5.60
CA LEU A 46 3.91 24.75 -6.27
C LEU A 46 5.40 25.06 -6.24
N LYS A 47 5.78 26.32 -6.39
CA LYS A 47 7.18 26.72 -6.52
C LYS A 47 7.75 27.24 -5.20
N GLU A 48 7.31 26.69 -4.07
CA GLU A 48 7.76 27.18 -2.78
C GLU A 48 8.98 26.45 -2.25
N ASN A 49 9.30 25.29 -2.80
CA ASN A 49 10.39 24.47 -2.29
C ASN A 49 10.72 23.40 -3.31
N ILE A 50 12.02 23.16 -3.53
CA ILE A 50 12.44 22.20 -4.55
C ILE A 50 12.48 20.77 -4.03
N ALA A 51 12.34 20.56 -2.73
CA ALA A 51 12.36 19.22 -2.16
C ALA A 51 10.98 18.61 -2.02
N LEU A 52 9.94 19.32 -2.42
CA LEU A 52 8.57 18.84 -2.26
C LEU A 52 8.11 18.11 -3.51
N SER A 53 7.58 16.90 -3.33
CA SER A 53 6.90 16.19 -4.39
C SER A 53 5.40 16.54 -4.34
N MET A 54 4.64 15.96 -5.26
CA MET A 54 3.21 16.24 -5.27
C MET A 54 2.48 15.56 -4.11
N ALA A 55 3.10 14.56 -3.48
CA ALA A 55 2.52 14.00 -2.26
C ALA A 55 2.51 15.04 -1.15
N ASP A 56 3.60 15.81 -1.03
CA ASP A 56 3.66 16.83 0.01
C ASP A 56 2.78 18.03 -0.32
N ILE A 57 2.61 18.33 -1.61
CA ILE A 57 1.72 19.41 -2.00
C ILE A 57 0.28 19.08 -1.63
N LEU A 58 -0.15 17.85 -1.93
CA LEU A 58 -1.54 17.48 -1.63
C LEU A 58 -1.77 17.28 -0.14
N THR A 59 -0.72 16.95 0.62
CA THR A 59 -0.89 16.70 2.04
C THR A 59 -1.22 17.98 2.80
N PHE A 60 -0.47 19.05 2.53
CA PHE A 60 -0.54 20.26 3.32
C PHE A 60 -1.39 21.35 2.68
N ASN A 61 -1.92 21.12 1.47
CA ASN A 61 -2.63 22.16 0.75
C ASN A 61 -4.03 21.74 0.31
N SER A 62 -4.50 20.56 0.69
CA SER A 62 -5.83 20.11 0.30
C SER A 62 -6.35 19.16 1.35
N SER A 63 -7.66 18.94 1.33
CA SER A 63 -8.32 18.03 2.26
C SER A 63 -8.15 16.57 1.86
N ILE A 64 -7.32 16.27 0.86
CA ILE A 64 -7.12 14.90 0.44
C ILE A 64 -6.27 14.17 1.46
N PHE A 65 -6.62 12.91 1.73
CA PHE A 65 -5.79 12.04 2.53
C PHE A 65 -4.68 11.45 1.66
N VAL A 66 -3.44 11.55 2.13
CA VAL A 66 -2.29 11.00 1.44
C VAL A 66 -1.62 10.02 2.39
N LYS A 67 -1.50 8.76 1.95
CA LYS A 67 -0.93 7.71 2.77
C LYS A 67 0.53 7.53 2.39
N SER A 68 1.43 8.11 3.17
CA SER A 68 2.86 8.05 2.87
C SER A 68 3.63 8.01 4.18
N TYR A 69 4.51 7.03 4.32
CA TYR A 69 5.33 6.90 5.54
C TYR A 69 6.70 7.54 5.40
N GLY A 70 6.73 8.81 4.97
CA GLY A 70 7.96 9.55 4.96
C GLY A 70 8.20 10.19 3.60
N ARG A 71 9.47 10.52 3.36
CA ARG A 71 9.91 11.20 2.15
C ARG A 71 10.59 10.21 1.22
N ALA A 72 10.34 10.36 -0.08
CA ALA A 72 10.82 9.43 -1.11
C ALA A 72 10.35 8.01 -0.81
N THR A 73 9.03 7.86 -0.76
CA THR A 73 8.40 6.59 -0.44
C THR A 73 7.02 6.57 -1.07
N LEU A 74 6.45 5.37 -1.18
CA LEU A 74 5.17 5.20 -1.87
C LEU A 74 4.09 6.04 -1.20
N SER A 75 3.37 6.81 -2.02
CA SER A 75 2.32 7.70 -1.55
C SER A 75 1.01 7.32 -2.22
N THR A 76 -0.01 7.09 -1.41
CA THR A 76 -1.33 6.67 -1.88
C THR A 76 -2.36 7.75 -1.56
N VAL A 77 -3.13 8.15 -2.56
CA VAL A 77 -4.10 9.23 -2.44
C VAL A 77 -5.49 8.63 -2.36
N SER A 78 -6.20 8.93 -1.26
CA SER A 78 -7.58 8.54 -1.08
C SER A 78 -8.44 9.81 -1.13
N PHE A 79 -9.24 9.94 -2.17
CA PHE A 79 -9.93 11.19 -2.49
C PHE A 79 -11.43 10.97 -2.29
N ARG A 80 -12.01 11.70 -1.33
CA ARG A 80 -13.43 11.60 -0.99
C ARG A 80 -13.83 10.18 -0.59
N GLY A 81 -13.04 9.59 0.30
CA GLY A 81 -13.41 8.33 0.90
C GLY A 81 -13.28 7.11 0.02
N THR A 82 -12.63 7.23 -1.14
CA THR A 82 -12.44 6.11 -2.04
C THR A 82 -11.00 5.63 -1.97
N SER A 83 -10.68 4.62 -2.78
CA SER A 83 -9.35 4.04 -2.79
C SER A 83 -8.45 4.83 -3.73
N ALA A 84 -7.22 4.36 -3.93
CA ALA A 84 -6.30 5.02 -4.84
C ALA A 84 -6.68 4.80 -6.29
N SER A 85 -7.24 3.63 -6.61
CA SER A 85 -7.59 3.31 -7.99
C SER A 85 -8.71 4.18 -8.53
N HIS A 86 -9.43 4.89 -7.68
CA HIS A 86 -10.54 5.72 -8.11
C HIS A 86 -10.14 7.17 -8.39
N THR A 87 -8.85 7.49 -8.33
CA THR A 87 -8.36 8.82 -8.64
C THR A 87 -7.53 8.74 -9.92
N GLN A 88 -7.90 9.54 -10.92
CA GLN A 88 -7.20 9.57 -12.18
C GLN A 88 -6.23 10.75 -12.21
N VAL A 89 -5.08 10.53 -12.83
CA VAL A 89 -4.06 11.56 -12.98
C VAL A 89 -3.76 11.73 -14.45
N THR A 90 -3.80 12.97 -14.94
CA THR A 90 -3.50 13.28 -16.33
C THR A 90 -2.41 14.34 -16.37
N TRP A 91 -1.37 14.10 -17.16
CA TRP A 91 -0.31 15.07 -17.37
C TRP A 91 -0.37 15.54 -18.81
N ASN A 92 -0.75 16.80 -19.00
CA ASN A 92 -0.93 17.38 -20.33
C ASN A 92 -1.98 16.61 -21.14
N GLY A 93 -2.99 16.07 -20.46
CA GLY A 93 -4.07 15.38 -21.11
C GLY A 93 -3.92 13.88 -21.21
N MET A 94 -2.75 13.35 -20.90
CA MET A 94 -2.49 11.92 -21.01
C MET A 94 -2.53 11.27 -19.63
N ARG A 95 -3.29 10.19 -19.50
CA ARG A 95 -3.41 9.54 -18.20
C ARG A 95 -2.08 8.94 -17.77
N ILE A 96 -1.79 9.06 -16.48
CA ILE A 96 -0.48 8.71 -15.93
C ILE A 96 -0.53 7.48 -15.02
N ASN A 97 -1.72 7.06 -14.59
CA ASN A 97 -1.83 5.90 -13.73
C ASN A 97 -1.18 4.68 -14.36
N ASN A 98 -0.47 3.92 -13.55
CA ASN A 98 0.14 2.69 -14.02
C ASN A 98 -0.96 1.73 -14.46
N PRO A 99 -0.97 1.31 -15.73
CA PRO A 99 -2.08 0.46 -16.20
C PRO A 99 -2.19 -0.86 -15.46
N MET A 100 -1.08 -1.43 -15.01
CA MET A 100 -1.15 -2.70 -14.30
C MET A 100 -1.74 -2.54 -12.91
N LEU A 101 -1.33 -1.50 -12.19
CA LEU A 101 -1.78 -1.28 -10.82
C LEU A 101 -2.98 -0.36 -10.71
N GLY A 102 -3.14 0.58 -11.64
CA GLY A 102 -4.26 1.49 -11.61
C GLY A 102 -4.10 2.66 -10.68
N MET A 103 -2.96 2.79 -10.00
CA MET A 103 -2.72 3.87 -9.06
C MET A 103 -1.41 4.58 -9.39
N THR A 104 -1.30 5.82 -8.97
CA THR A 104 -0.15 6.66 -9.24
C THR A 104 0.62 6.91 -7.95
N ASP A 105 1.94 6.78 -8.02
CA ASP A 105 2.83 7.10 -6.90
C ASP A 105 3.14 8.59 -6.98
N PHE A 106 2.50 9.39 -6.12
CA PHE A 106 2.64 10.84 -6.20
C PHE A 106 3.99 11.33 -5.70
N SER A 107 4.79 10.48 -5.08
CA SER A 107 6.09 10.92 -4.56
C SER A 107 7.15 11.03 -5.64
N MET A 108 6.86 10.59 -6.87
CA MET A 108 7.82 10.63 -7.95
C MET A 108 7.55 11.77 -8.93
N ILE A 109 6.74 12.74 -8.53
CA ILE A 109 6.43 13.91 -9.36
C ILE A 109 6.92 15.15 -8.62
N PRO A 110 8.09 15.68 -8.98
CA PRO A 110 8.57 16.90 -8.34
C PRO A 110 7.62 18.07 -8.60
N SER A 111 7.45 18.92 -7.59
CA SER A 111 6.55 20.06 -7.73
C SER A 111 7.11 21.08 -8.72
N TYR A 112 8.43 21.24 -8.76
CA TYR A 112 9.03 22.18 -9.70
C TYR A 112 8.91 21.74 -11.15
N PHE A 113 8.51 20.49 -11.41
CA PHE A 113 8.25 20.06 -12.77
C PHE A 113 6.81 20.31 -13.20
N ILE A 114 5.97 20.80 -12.29
CA ILE A 114 4.56 21.06 -12.57
C ILE A 114 4.34 22.56 -12.46
N ASP A 115 3.84 23.17 -13.54
CA ASP A 115 3.54 24.59 -13.54
C ASP A 115 2.07 24.90 -13.28
N ASP A 116 1.20 23.90 -13.32
CA ASP A 116 -0.22 24.11 -13.13
C ASP A 116 -0.86 22.82 -12.66
N ALA A 117 -1.66 22.91 -11.60
CA ALA A 117 -2.33 21.73 -11.06
C ALA A 117 -3.75 22.11 -10.65
N SER A 118 -4.69 21.21 -10.93
CA SER A 118 -6.09 21.38 -10.55
C SER A 118 -6.62 20.08 -9.98
N LEU A 119 -7.66 20.21 -9.17
CA LEU A 119 -8.27 19.07 -8.48
C LEU A 119 -9.76 19.07 -8.83
N LEU A 120 -10.17 18.14 -9.69
CA LEU A 120 -11.57 18.01 -10.06
C LEU A 120 -12.26 17.05 -9.11
N HIS A 121 -13.30 17.54 -8.43
CA HIS A 121 -13.93 16.83 -7.32
C HIS A 121 -15.15 16.08 -7.83
N GLY A 122 -15.16 14.76 -7.63
CA GLY A 122 -16.34 13.95 -7.89
C GLY A 122 -16.89 14.01 -9.29
N THR A 123 -18.07 14.61 -9.45
CA THR A 123 -18.72 14.67 -10.75
C THR A 123 -17.92 15.50 -11.75
N SER A 124 -17.09 16.42 -11.27
CA SER A 124 -16.31 17.26 -12.17
C SER A 124 -15.32 16.44 -12.97
N SER A 125 -14.91 15.28 -12.45
CA SER A 125 -13.98 14.43 -13.18
C SER A 125 -14.58 13.90 -14.47
N VAL A 126 -15.90 13.80 -14.57
CA VAL A 126 -16.54 13.33 -15.78
C VAL A 126 -16.30 14.31 -16.93
N ASN A 127 -16.04 15.58 -16.61
CA ASN A 127 -15.81 16.57 -17.64
C ASN A 127 -14.61 16.23 -18.51
N MET A 128 -13.65 15.50 -17.98
CA MET A 128 -12.46 15.19 -18.76
C MET A 128 -12.12 13.71 -18.81
N ALA A 129 -12.31 12.98 -17.72
CA ALA A 129 -11.89 11.59 -17.65
C ALA A 129 -13.09 10.67 -17.52
N GLY A 130 -12.80 9.37 -17.36
CA GLY A 130 -13.82 8.36 -17.28
C GLY A 130 -14.05 7.85 -15.88
N GLY A 131 -13.45 6.71 -15.55
CA GLY A 131 -13.66 6.08 -14.27
C GLY A 131 -13.00 6.77 -13.10
N GLY A 132 -13.18 8.09 -13.00
CA GLY A 132 -12.69 8.83 -11.86
C GLY A 132 -13.75 8.92 -10.78
N LEU A 133 -14.04 7.79 -10.13
CA LEU A 133 -15.10 7.77 -9.13
C LEU A 133 -14.81 8.72 -7.98
N GLY A 134 -13.56 8.75 -7.53
CA GLY A 134 -13.16 9.73 -6.54
C GLY A 134 -13.02 11.11 -7.14
N GLY A 135 -12.07 11.28 -8.05
CA GLY A 135 -11.83 12.58 -8.65
C GLY A 135 -10.71 12.50 -9.66
N LEU A 136 -10.26 13.68 -10.09
CA LEU A 136 -9.22 13.81 -11.11
C LEU A 136 -8.18 14.81 -10.65
N VAL A 137 -6.92 14.53 -10.97
CA VAL A 137 -5.82 15.45 -10.72
C VAL A 137 -5.23 15.83 -12.08
N LYS A 138 -5.34 17.10 -12.43
CA LYS A 138 -4.97 17.58 -13.76
C LYS A 138 -3.65 18.33 -13.66
N LEU A 139 -2.60 17.76 -14.24
CA LEU A 139 -1.27 18.35 -14.24
C LEU A 139 -0.90 18.81 -15.65
N SER A 140 -0.16 19.91 -15.74
CA SER A 140 0.22 20.45 -17.03
C SER A 140 1.45 21.34 -16.87
N THR A 141 2.07 21.63 -18.01
CA THR A 141 3.19 22.56 -18.08
C THR A 141 2.78 23.76 -18.93
N VAL A 142 3.11 24.96 -18.46
CA VAL A 142 2.66 26.20 -19.08
C VAL A 142 3.83 26.86 -19.82
N PRO A 143 3.64 27.35 -21.03
CA PRO A 143 4.72 28.08 -21.72
C PRO A 143 5.12 29.32 -20.94
N ALA A 144 6.41 29.61 -20.95
CA ALA A 144 6.92 30.78 -20.25
C ALA A 144 6.75 32.03 -21.09
N HIS A 145 7.25 33.15 -20.58
CA HIS A 145 7.22 34.44 -21.27
C HIS A 145 8.59 35.08 -21.23
N GLN A 146 9.63 34.30 -21.53
CA GLN A 146 11.00 34.75 -21.37
C GLN A 146 11.52 35.36 -22.67
N GLU A 147 12.11 36.54 -22.57
CA GLU A 147 12.77 37.19 -23.69
C GLU A 147 14.28 37.06 -23.52
N GLY A 148 14.95 36.52 -24.53
CA GLY A 148 16.37 36.26 -24.44
C GLY A 148 16.67 34.97 -23.72
N PHE A 149 17.83 34.88 -23.07
CA PHE A 149 18.26 33.68 -22.38
C PHE A 149 18.31 33.95 -20.88
N GLY A 150 17.93 32.95 -20.10
CA GLY A 150 18.00 33.05 -18.66
C GLY A 150 18.12 31.67 -18.03
N MET A 151 18.59 31.64 -16.79
CA MET A 151 18.78 30.37 -16.12
C MET A 151 18.71 30.57 -14.62
N GLN A 152 18.53 29.47 -13.90
CA GLN A 152 18.37 29.48 -12.46
C GLN A 152 18.95 28.20 -11.88
N TYR A 153 19.59 28.31 -10.72
CA TYR A 153 20.18 27.16 -10.04
C TYR A 153 19.85 27.24 -8.56
N VAL A 154 19.30 26.16 -8.02
CA VAL A 154 18.94 26.08 -6.60
C VAL A 154 19.61 24.85 -6.02
N GLN A 155 20.27 25.02 -4.87
CA GLN A 155 20.95 23.94 -4.19
C GLN A 155 20.43 23.85 -2.77
N GLY A 156 20.11 22.63 -2.33
CA GLY A 156 19.56 22.43 -1.00
C GLY A 156 20.36 21.48 -0.15
N ILE A 157 20.64 21.88 1.09
CA ILE A 157 21.38 21.07 2.05
C ILE A 157 20.53 20.92 3.30
N GLY A 158 20.42 19.69 3.81
CA GLY A 158 19.62 19.43 4.99
C GLY A 158 20.22 18.32 5.83
N SER A 159 19.50 17.98 6.90
CA SER A 159 19.95 16.96 7.82
C SER A 159 20.01 15.61 7.12
N PHE A 160 20.59 14.62 7.81
CA PHE A 160 20.61 13.22 7.40
C PHE A 160 21.44 13.01 6.14
N SER A 161 22.24 14.00 5.74
CA SER A 161 23.05 13.96 4.52
C SER A 161 22.18 13.87 3.27
N THR A 162 21.12 14.68 3.22
CA THR A 162 20.30 14.80 2.02
C THR A 162 20.80 15.95 1.17
N PHE A 163 20.74 15.77 -0.14
CA PHE A 163 21.17 16.78 -1.10
C PHE A 163 20.12 16.93 -2.19
N ASP A 164 19.78 18.18 -2.52
CA ASP A 164 18.83 18.50 -3.57
C ASP A 164 19.42 19.55 -4.48
N GLU A 165 19.28 19.34 -5.79
CA GLU A 165 19.73 20.31 -6.79
C GLU A 165 18.65 20.49 -7.85
N PHE A 166 18.57 21.70 -8.40
CA PHE A 166 17.60 22.00 -9.44
C PHE A 166 18.18 23.05 -10.36
N LEU A 167 18.19 22.75 -11.66
CA LEU A 167 18.77 23.64 -12.67
C LEU A 167 17.73 23.94 -13.73
N GLN A 168 17.59 25.22 -14.07
CA GLN A 168 16.62 25.70 -15.05
C GLN A 168 17.36 26.41 -16.16
N LEU A 169 17.00 26.09 -17.41
CA LEU A 169 17.53 26.77 -18.59
C LEU A 169 16.36 27.10 -19.50
N LYS A 170 16.32 28.32 -20.03
CA LYS A 170 15.21 28.72 -20.86
C LYS A 170 15.66 29.76 -21.89
N TYR A 171 14.88 29.89 -22.95
CA TYR A 171 15.15 30.86 -24.01
C TYR A 171 13.86 31.13 -24.76
N GLY A 172 13.72 32.35 -25.28
CA GLY A 172 12.55 32.71 -26.05
C GLY A 172 12.75 33.90 -26.95
N ASP A 173 12.15 33.88 -28.15
CA ASP A 173 12.29 34.97 -29.11
C ASP A 173 10.98 35.29 -29.80
N LYS A 174 9.88 35.27 -29.05
CA LYS A 174 8.57 35.73 -29.48
C LYS A 174 7.90 34.77 -30.47
N HIS A 175 8.65 33.76 -30.92
CA HIS A 175 8.05 32.63 -31.62
C HIS A 175 8.42 31.31 -30.97
N TRP A 176 9.64 31.22 -30.46
CA TRP A 176 10.13 30.00 -29.85
C TRP A 176 10.17 30.16 -28.33
N GLN A 177 10.01 29.03 -27.64
CA GLN A 177 10.09 28.98 -26.17
C GLN A 177 10.69 27.64 -25.80
N ILE A 178 11.99 27.62 -25.54
CA ILE A 178 12.72 26.40 -25.20
C ILE A 178 13.07 26.45 -23.72
N SER A 179 12.79 25.36 -23.00
CA SER A 179 13.10 25.28 -21.59
C SER A 179 13.65 23.90 -21.26
N THR A 180 14.48 23.83 -20.22
CA THR A 180 15.08 22.58 -19.78
C THR A 180 15.25 22.62 -18.27
N ARG A 181 14.83 21.55 -17.59
CA ARG A 181 14.94 21.44 -16.14
C ARG A 181 15.63 20.14 -15.78
N ALA A 182 16.24 20.11 -14.60
CA ALA A 182 16.86 18.91 -14.06
C ALA A 182 16.74 18.96 -12.54
N VAL A 183 16.39 17.82 -11.95
CA VAL A 183 16.25 17.69 -10.50
C VAL A 183 16.97 16.43 -10.06
N TYR A 184 17.87 16.56 -9.09
CA TYR A 184 18.58 15.42 -8.52
C TYR A 184 18.44 15.43 -7.01
N GLN A 185 18.02 14.30 -6.45
CA GLN A 185 17.81 14.16 -5.02
C GLN A 185 18.45 12.87 -4.55
N SER A 186 19.22 12.93 -3.47
CA SER A 186 19.88 11.75 -2.92
C SER A 186 19.99 11.88 -1.41
N SER A 187 20.01 10.74 -0.73
CA SER A 187 20.09 10.71 0.73
C SER A 187 20.33 9.28 1.18
N PRO A 188 20.94 9.08 2.35
CA PRO A 188 21.08 7.73 2.88
C PRO A 188 19.90 7.31 3.75
N ASN A 189 19.12 8.27 4.25
CA ASN A 189 18.01 8.02 5.17
C ASN A 189 18.46 7.16 6.35
N ASP A 190 19.36 7.74 7.15
CA ASP A 190 19.87 7.08 8.35
C ASP A 190 19.53 7.90 9.58
N TYR A 191 18.32 8.42 9.65
CA TYR A 191 17.92 9.23 10.80
C TYR A 191 17.74 8.36 12.03
N LYS A 192 18.10 8.90 13.19
CA LYS A 192 17.97 8.19 14.45
C LYS A 192 16.56 8.37 15.00
N TYR A 193 15.95 7.26 15.41
CA TYR A 193 14.65 7.29 16.06
C TYR A 193 14.69 6.37 17.28
N ARG A 194 13.85 6.68 18.25
CA ARG A 194 13.73 5.86 19.45
C ARG A 194 12.67 4.80 19.21
N ASN A 195 13.04 3.53 19.38
CA ASN A 195 12.21 2.41 18.96
C ASN A 195 11.39 1.92 20.15
N HIS A 196 10.08 2.09 20.08
CA HIS A 196 9.16 1.65 21.13
C HIS A 196 8.56 0.27 20.87
N ASP A 197 8.84 -0.33 19.71
CA ASP A 197 8.25 -1.61 19.35
C ASP A 197 9.22 -2.77 19.49
N LYS A 198 10.42 -2.52 19.99
CA LYS A 198 11.43 -3.57 20.09
C LYS A 198 12.31 -3.27 21.30
N LYS A 199 12.75 -4.32 21.98
CA LYS A 199 13.60 -4.19 23.16
C LYS A 199 14.84 -5.04 22.95
N GLU A 200 16.00 -4.42 23.06
CA GLU A 200 17.26 -5.15 23.03
C GLU A 200 17.64 -5.58 24.45
N ASN A 201 18.03 -6.84 24.59
CA ASN A 201 18.32 -7.41 25.89
C ASN A 201 19.83 -7.53 26.09
N ILE A 202 20.26 -7.27 27.32
CA ILE A 202 21.67 -7.35 27.69
C ILE A 202 21.91 -8.70 28.35
N TYR A 203 22.87 -9.45 27.82
CA TYR A 203 23.12 -10.80 28.28
C TYR A 203 24.21 -10.81 29.34
N ASP A 204 24.67 -12.01 29.68
CA ASP A 204 25.79 -12.20 30.60
C ASP A 204 26.64 -13.38 30.17
N ASP A 205 27.50 -13.85 31.07
CA ASP A 205 28.41 -14.95 30.74
C ASP A 205 27.66 -16.24 30.45
N LYS A 206 26.40 -16.37 30.91
CA LYS A 206 25.65 -17.61 30.77
C LYS A 206 24.35 -17.42 30.02
N TYR A 207 24.23 -16.36 29.23
CA TYR A 207 23.09 -16.13 28.34
C TYR A 207 21.76 -16.06 29.10
N ASN A 208 21.65 -15.04 29.94
CA ASN A 208 20.40 -14.68 30.60
C ASN A 208 20.17 -13.20 30.44
N ILE A 209 18.90 -12.82 30.26
CA ILE A 209 18.56 -11.40 30.15
C ILE A 209 18.64 -10.75 31.51
N ILE A 210 19.41 -9.67 31.60
CA ILE A 210 19.53 -8.89 32.83
C ILE A 210 18.77 -7.58 32.74
N GLU A 211 18.98 -6.84 31.65
CA GLU A 211 18.30 -5.57 31.43
C GLU A 211 17.78 -5.50 30.00
N GLN A 212 16.65 -4.86 29.83
CA GLN A 212 16.06 -4.61 28.52
C GLN A 212 15.81 -3.12 28.38
N TYR A 213 16.22 -2.57 27.23
CA TYR A 213 16.10 -1.13 26.98
C TYR A 213 15.56 -0.91 25.57
N TYR A 214 14.88 0.21 25.39
CA TYR A 214 14.43 0.60 24.07
C TYR A 214 15.62 1.13 23.28
N PRO A 215 16.02 0.50 22.19
CA PRO A 215 17.20 0.97 21.45
C PRO A 215 16.91 2.26 20.69
N ILE A 216 17.99 2.96 20.38
CA ILE A 216 17.94 4.14 19.52
C ILE A 216 18.61 3.77 18.21
N GLU A 217 17.81 3.30 17.25
CA GLU A 217 18.31 2.79 16.00
C GLU A 217 18.36 3.89 14.95
N ARG A 218 18.67 3.49 13.72
CA ARG A 218 18.62 4.36 12.57
C ARG A 218 17.82 3.69 11.47
N ASN A 219 17.19 4.50 10.63
CA ASN A 219 16.48 3.96 9.47
C ASN A 219 17.45 3.19 8.59
N ARG A 220 17.07 1.99 8.20
CA ARG A 220 17.94 1.10 7.47
C ARG A 220 17.34 0.76 6.11
N SER A 221 18.21 0.61 5.12
CA SER A 221 17.81 0.28 3.76
C SER A 221 16.85 1.33 3.19
N GLY A 222 17.15 2.59 3.47
CA GLY A 222 16.28 3.67 3.06
C GLY A 222 16.89 4.66 2.07
N ALA A 223 18.10 4.39 1.62
CA ALA A 223 18.79 5.31 0.71
C ALA A 223 18.09 5.36 -0.63
N TYR A 224 18.21 6.51 -1.30
CA TYR A 224 17.55 6.71 -2.58
C TYR A 224 18.31 7.74 -3.41
N LYS A 225 18.16 7.62 -4.73
CA LYS A 225 18.72 8.58 -5.68
C LYS A 225 17.74 8.74 -6.82
N ASP A 226 17.33 9.99 -7.09
CA ASP A 226 16.33 10.28 -8.11
C ASP A 226 16.87 11.30 -9.10
N LEU A 227 16.58 11.09 -10.38
CA LEU A 227 16.95 12.00 -11.44
C LEU A 227 15.75 12.24 -12.35
N HIS A 228 15.42 13.51 -12.56
CA HIS A 228 14.35 13.90 -13.47
C HIS A 228 14.85 14.96 -14.43
N ILE A 229 14.50 14.83 -15.71
CA ILE A 229 14.87 15.79 -16.75
C ILE A 229 13.63 16.09 -17.56
N LEU A 230 13.37 17.38 -17.78
CA LEU A 230 12.22 17.83 -18.55
C LEU A 230 12.68 18.79 -19.64
N GLN A 231 12.21 18.58 -20.87
CA GLN A 231 12.55 19.40 -22.00
C GLN A 231 11.28 19.86 -22.69
N GLU A 232 11.18 21.17 -22.96
CA GLU A 232 10.00 21.75 -23.58
C GLU A 232 10.42 22.56 -24.80
N VAL A 233 9.66 22.42 -25.88
CA VAL A 233 9.83 23.24 -27.08
C VAL A 233 8.45 23.70 -27.52
N TYR A 234 8.26 25.02 -27.58
CA TYR A 234 6.97 25.62 -27.91
C TYR A 234 7.14 26.60 -29.07
N TYR A 235 6.15 26.62 -29.97
CA TYR A 235 6.17 27.51 -31.12
C TYR A 235 4.80 28.16 -31.27
N ASN A 236 4.79 29.43 -31.63
CA ASN A 236 3.57 30.23 -31.72
C ASN A 236 3.63 31.08 -32.97
N THR A 237 2.85 30.72 -33.98
CA THR A 237 2.85 31.48 -35.23
C THR A 237 2.27 32.88 -35.03
N GLY A 238 1.38 33.04 -34.05
CA GLY A 238 0.68 34.29 -33.87
C GLY A 238 -0.54 34.46 -34.75
N LYS A 239 -0.82 33.50 -35.62
CA LYS A 239 -1.99 33.53 -36.50
C LYS A 239 -3.09 32.60 -36.02
N GLY A 240 -2.95 32.01 -34.83
CA GLY A 240 -3.93 31.09 -34.30
C GLY A 240 -3.49 29.65 -34.24
N ASP A 241 -2.23 29.35 -34.55
CA ASP A 241 -1.70 27.99 -34.50
C ASP A 241 -0.56 27.95 -33.50
N ARG A 242 -0.66 27.06 -32.51
CA ARG A 242 0.36 26.91 -31.48
C ARG A 242 0.76 25.45 -31.39
N PHE A 243 2.05 25.18 -31.48
CA PHE A 243 2.58 23.83 -31.41
C PHE A 243 3.43 23.67 -30.16
N GLY A 244 3.48 22.46 -29.65
CA GLY A 244 4.22 22.19 -28.42
C GLY A 244 4.79 20.79 -28.42
N LEU A 245 5.76 20.56 -27.54
CA LEU A 245 6.38 19.26 -27.37
C LEU A 245 7.05 19.21 -26.01
N ASN A 246 6.69 18.22 -25.20
CA ASN A 246 7.25 18.04 -23.87
C ASN A 246 7.81 16.64 -23.75
N ALA A 247 9.00 16.53 -23.16
CA ALA A 247 9.61 15.24 -22.89
C ALA A 247 10.09 15.21 -21.45
N TRP A 248 9.73 14.15 -20.73
CA TRP A 248 10.01 14.05 -19.31
C TRP A 248 10.61 12.68 -19.02
N TYR A 249 11.83 12.66 -18.49
CA TYR A 249 12.58 11.44 -18.25
C TYR A 249 12.80 11.27 -16.75
N THR A 250 12.64 10.04 -16.26
CA THR A 250 12.76 9.74 -14.84
C THR A 250 13.70 8.58 -14.63
N ASP A 251 14.70 8.77 -13.76
CA ASP A 251 15.62 7.71 -13.33
C ASP A 251 15.56 7.64 -11.82
N SER A 252 15.01 6.55 -11.29
CA SER A 252 14.81 6.39 -9.86
C SER A 252 15.54 5.15 -9.37
N ASN A 253 16.16 5.27 -8.19
CA ASN A 253 16.89 4.17 -7.57
C ASN A 253 16.64 4.26 -6.07
N ARG A 254 15.64 3.55 -5.59
CA ARG A 254 15.20 3.63 -4.20
C ARG A 254 15.33 2.28 -3.52
N GLU A 255 15.59 2.31 -2.23
CA GLU A 255 15.65 1.12 -1.40
C GLU A 255 14.46 1.09 -0.47
N LEU A 256 13.94 -0.11 -0.23
CA LEU A 256 12.77 -0.28 0.63
C LEU A 256 13.23 -0.43 2.08
N ALA A 257 12.75 0.45 2.94
CA ALA A 257 13.22 0.50 4.32
C ALA A 257 12.73 -0.72 5.11
N LEU A 258 13.43 -1.00 6.20
CA LEU A 258 13.07 -2.09 7.10
C LEU A 258 11.95 -1.65 8.03
N LEU A 259 11.20 -2.63 8.52
CA LEU A 259 10.11 -2.33 9.44
C LEU A 259 10.65 -2.07 10.84
N THR A 260 9.79 -1.49 11.67
CA THR A 260 10.15 -1.24 13.06
C THR A 260 10.42 -2.54 13.81
N THR A 261 9.59 -3.56 13.58
CA THR A 261 9.70 -4.84 14.27
C THR A 261 10.50 -5.82 13.41
N ASP A 262 11.76 -5.47 13.19
CA ASP A 262 12.69 -6.29 12.43
C ASP A 262 13.92 -6.55 13.29
N GLN A 263 14.24 -7.81 13.49
CA GLN A 263 15.16 -8.22 14.56
C GLN A 263 16.56 -8.45 14.05
N GLY A 264 17.55 -8.07 14.86
CA GLY A 264 18.94 -8.32 14.58
C GLY A 264 19.59 -7.19 13.81
N ASP A 265 20.92 -7.22 13.81
CA ASP A 265 21.72 -6.30 13.00
C ASP A 265 21.87 -6.84 11.58
N LEU A 266 20.73 -6.90 10.89
CA LEU A 266 20.66 -7.57 9.59
C LEU A 266 21.31 -6.75 8.50
N MET A 267 22.61 -6.98 8.28
CA MET A 267 23.29 -6.46 7.10
C MET A 267 22.96 -7.38 5.93
N ASP A 268 23.74 -7.28 4.86
CA ASP A 268 23.65 -8.13 3.66
C ASP A 268 22.21 -8.44 3.28
N PHE A 269 21.42 -7.36 3.17
CA PHE A 269 20.01 -7.46 2.79
C PHE A 269 19.67 -6.16 2.07
N GLU A 270 19.44 -6.23 0.76
CA GLU A 270 19.16 -5.04 -0.03
C GLU A 270 17.81 -5.18 -0.72
N ASN A 271 17.06 -4.08 -0.74
CA ASN A 271 15.86 -3.92 -1.56
C ASN A 271 16.12 -2.79 -2.53
N ARG A 272 15.62 -2.92 -3.75
CA ARG A 272 15.80 -1.87 -4.73
C ARG A 272 14.66 -1.87 -5.72
N GLN A 273 14.19 -0.67 -6.07
CA GLN A 273 13.14 -0.46 -7.06
C GLN A 273 13.64 0.57 -8.06
N ARG A 274 14.36 0.11 -9.08
CA ARG A 274 14.74 0.99 -10.17
C ARG A 274 13.53 1.23 -11.07
N GLU A 275 13.47 2.40 -11.69
CA GLU A 275 12.29 2.80 -12.44
C GLU A 275 12.70 3.83 -13.48
N HIS A 276 12.74 3.43 -14.74
CA HIS A 276 13.07 4.30 -15.86
C HIS A 276 11.80 4.57 -16.66
N THR A 277 11.52 5.85 -16.93
CA THR A 277 10.27 6.20 -17.57
C THR A 277 10.44 7.47 -18.39
N LEU A 278 9.83 7.47 -19.58
CA LEU A 278 9.84 8.63 -20.47
C LEU A 278 8.40 8.98 -20.84
N ARG A 279 8.03 10.24 -20.63
CA ARG A 279 6.73 10.76 -21.04
C ARG A 279 6.92 11.81 -22.13
N SER A 280 6.16 11.68 -23.21
CA SER A 280 6.21 12.65 -24.30
C SER A 280 4.79 12.98 -24.72
N VAL A 281 4.54 14.26 -25.03
CA VAL A 281 3.26 14.72 -25.53
C VAL A 281 3.52 15.72 -26.66
N LEU A 282 2.82 15.55 -27.77
CA LEU A 282 2.80 16.52 -28.86
C LEU A 282 1.43 17.19 -28.90
N SER A 283 1.42 18.52 -28.97
CA SER A 283 0.19 19.27 -28.91
C SER A 283 0.10 20.25 -30.08
N TRP A 284 -1.10 20.38 -30.63
CA TRP A 284 -1.39 21.37 -31.67
C TRP A 284 -2.72 22.03 -31.35
N ASP A 285 -2.73 23.36 -31.34
CA ASP A 285 -3.93 24.14 -31.07
C ASP A 285 -4.22 25.03 -32.26
N HIS A 286 -5.45 24.98 -32.76
CA HIS A 286 -5.87 25.78 -33.91
C HIS A 286 -7.12 26.55 -33.52
N THR A 287 -6.98 27.86 -33.34
CA THR A 287 -8.05 28.70 -32.83
C THR A 287 -8.53 29.67 -33.90
N ARG A 288 -9.79 30.09 -33.77
CA ARG A 288 -10.40 31.02 -34.71
C ARG A 288 -11.38 31.89 -33.93
N GLU A 289 -12.30 32.53 -34.64
CA GLU A 289 -13.18 33.53 -34.05
C GLU A 289 -13.98 32.96 -32.88
N ASN A 290 -14.83 31.97 -33.16
CA ASN A 290 -15.67 31.38 -32.13
C ASN A 290 -15.42 29.90 -31.88
N TRP A 291 -14.78 29.20 -32.81
CA TRP A 291 -14.51 27.77 -32.66
C TRP A 291 -13.02 27.54 -32.49
N LYS A 292 -12.67 26.33 -32.02
CA LYS A 292 -11.30 25.98 -31.72
C LYS A 292 -11.17 24.47 -31.67
N VAL A 293 -10.12 23.94 -32.30
CA VAL A 293 -9.86 22.51 -32.36
C VAL A 293 -8.45 22.25 -31.88
N SER A 294 -8.29 21.27 -30.99
CA SER A 294 -7.00 20.93 -30.40
C SER A 294 -6.71 19.46 -30.63
N ALA A 295 -5.59 19.16 -31.27
CA ALA A 295 -5.13 17.81 -31.49
C ALA A 295 -3.90 17.53 -30.64
N ARG A 296 -3.74 16.28 -30.22
CA ARG A 296 -2.73 15.96 -29.23
C ARG A 296 -2.35 14.48 -29.34
N GLY A 297 -1.07 14.19 -29.14
CA GLY A 297 -0.59 12.82 -29.18
C GLY A 297 0.61 12.65 -28.28
N GLY A 298 0.81 11.42 -27.82
CA GLY A 298 1.85 11.16 -26.85
C GLY A 298 2.26 9.71 -26.81
N TYR A 299 3.25 9.42 -25.96
CA TYR A 299 3.85 8.11 -25.85
C TYR A 299 4.62 8.02 -24.54
N VAL A 300 4.46 6.93 -23.81
CA VAL A 300 5.17 6.72 -22.54
C VAL A 300 5.76 5.31 -22.52
N HIS A 301 7.00 5.21 -22.03
CA HIS A 301 7.71 3.96 -21.89
C HIS A 301 8.18 3.82 -20.45
N THR A 302 7.91 2.67 -19.84
CA THR A 302 8.24 2.44 -18.44
C THR A 302 8.96 1.11 -18.28
N TRP A 303 9.99 1.10 -17.44
CA TRP A 303 10.77 -0.11 -17.16
C TRP A 303 10.94 -0.23 -15.65
N LEU A 304 10.41 -1.30 -15.08
CA LEU A 304 10.43 -1.54 -13.65
C LEU A 304 11.36 -2.70 -13.33
N ALA A 305 12.04 -2.61 -12.18
CA ALA A 305 12.99 -3.64 -11.77
C ALA A 305 13.03 -3.69 -10.25
N TYR A 306 12.68 -4.86 -9.70
CA TYR A 306 12.71 -5.09 -8.27
C TYR A 306 13.72 -6.18 -7.96
N ASP A 307 14.59 -5.92 -6.99
CA ASP A 307 15.63 -6.86 -6.60
C ASP A 307 15.53 -7.15 -5.11
N TYR A 308 15.93 -8.36 -4.72
CA TYR A 308 15.92 -8.77 -3.31
C TYR A 308 17.02 -9.82 -3.16
N LYS A 309 18.18 -9.38 -2.67
CA LYS A 309 19.39 -10.20 -2.67
C LYS A 309 19.91 -10.34 -1.24
N ARG A 310 20.69 -11.38 -1.02
CA ARG A 310 21.34 -11.62 0.26
C ARG A 310 22.79 -12.00 0.04
N ASP A 311 23.70 -11.33 0.75
CA ASP A 311 25.12 -11.62 0.66
C ASP A 311 25.48 -12.68 1.70
N LEU A 312 25.82 -13.87 1.23
CA LEU A 312 26.16 -15.00 2.08
C LEU A 312 27.59 -15.43 1.78
N GLY A 313 28.07 -16.41 2.52
CA GLY A 313 29.41 -16.92 2.29
C GLY A 313 30.45 -15.84 2.53
N ASN A 314 31.24 -15.55 1.51
CA ASN A 314 32.27 -14.51 1.59
C ASN A 314 32.05 -13.38 0.59
N GLY A 315 31.76 -13.68 -0.67
CA GLY A 315 31.56 -12.64 -1.65
C GLY A 315 30.35 -12.85 -2.55
N ILE A 316 29.77 -14.05 -2.52
CA ILE A 316 28.64 -14.36 -3.39
C ILE A 316 27.37 -13.72 -2.83
N MET A 317 26.59 -13.12 -3.72
CA MET A 317 25.35 -12.44 -3.35
C MET A 317 24.19 -13.13 -4.07
N ALA A 318 23.57 -14.10 -3.39
CA ALA A 318 22.48 -14.84 -3.97
C ALA A 318 21.23 -13.96 -4.08
N THR A 319 20.40 -14.27 -5.08
CA THR A 319 19.21 -13.49 -5.38
C THR A 319 17.97 -14.29 -4.98
N MET A 320 17.08 -13.65 -4.22
CA MET A 320 15.87 -14.30 -3.72
C MET A 320 14.60 -13.87 -4.42
N THR A 321 14.56 -12.66 -4.98
CA THR A 321 13.42 -12.21 -5.75
C THR A 321 13.92 -11.28 -6.86
N ARG A 322 13.38 -11.46 -8.06
CA ARG A 322 13.81 -10.69 -9.23
C ARG A 322 12.60 -10.50 -10.13
N SER A 323 12.16 -9.25 -10.30
CA SER A 323 10.99 -8.94 -11.11
C SER A 323 11.32 -7.83 -12.08
N ARG A 324 10.90 -8.00 -13.34
CA ARG A 324 11.07 -6.99 -14.37
C ARG A 324 9.75 -6.77 -15.08
N SER A 325 9.54 -5.55 -15.57
CA SER A 325 8.31 -5.21 -16.28
C SER A 325 8.57 -4.05 -17.22
N LYS A 326 7.94 -4.10 -18.39
CA LYS A 326 8.04 -3.04 -19.39
C LYS A 326 6.65 -2.69 -19.87
N VAL A 327 6.35 -1.40 -19.95
CA VAL A 327 5.04 -0.91 -20.38
C VAL A 327 5.25 0.14 -21.46
N ASN A 328 4.53 0.01 -22.56
CA ASN A 328 4.53 0.99 -23.64
C ASN A 328 3.11 1.42 -23.90
N THR A 329 2.88 2.73 -23.97
CA THR A 329 1.54 3.26 -24.17
C THR A 329 1.58 4.35 -25.22
N PHE A 330 0.62 4.31 -26.15
CA PHE A 330 0.45 5.32 -27.17
C PHE A 330 -0.86 6.06 -26.94
N TYR A 331 -0.82 7.38 -27.03
CA TYR A 331 -1.96 8.21 -26.68
C TYR A 331 -2.24 9.22 -27.78
N GLY A 332 -3.51 9.38 -28.10
CA GLY A 332 -3.94 10.40 -29.05
C GLY A 332 -5.29 10.95 -28.65
N GLN A 333 -5.50 12.22 -28.97
CA GLN A 333 -6.73 12.89 -28.58
C GLN A 333 -7.04 14.01 -29.56
N LEU A 334 -8.34 14.28 -29.73
CA LEU A 334 -8.81 15.34 -30.62
C LEU A 334 -10.01 16.00 -29.97
N ASP A 335 -9.93 17.29 -29.70
CA ASP A 335 -11.00 18.03 -29.04
C ASP A 335 -11.56 19.12 -29.94
N GLY A 336 -12.82 19.47 -29.70
CA GLY A 336 -13.46 20.55 -30.41
C GLY A 336 -14.23 21.44 -29.46
N GLU A 337 -14.64 22.59 -29.98
CA GLU A 337 -15.37 23.58 -29.19
C GLU A 337 -15.97 24.62 -30.12
N TYR A 338 -17.26 24.90 -29.97
CA TYR A 338 -17.95 25.84 -30.84
C TYR A 338 -18.83 26.77 -30.01
N PHE A 339 -18.83 28.05 -30.38
CA PHE A 339 -19.64 29.07 -29.71
C PHE A 339 -20.76 29.49 -30.65
N PHE A 340 -21.97 29.00 -30.40
CA PHE A 340 -23.12 29.51 -31.14
C PHE A 340 -23.35 30.98 -30.83
N SER A 341 -23.16 31.36 -29.58
CA SER A 341 -23.20 32.76 -29.14
C SER A 341 -22.46 32.82 -27.80
N ASP A 342 -22.55 33.97 -27.13
CA ASP A 342 -21.91 34.10 -25.83
C ASP A 342 -22.65 33.33 -24.75
N LYS A 343 -23.90 32.92 -25.00
CA LYS A 343 -24.72 32.25 -24.02
C LYS A 343 -25.05 30.80 -24.40
N LEU A 344 -24.30 30.22 -25.33
CA LEU A 344 -24.50 28.83 -25.73
C LEU A 344 -23.19 28.28 -26.24
N LEU A 345 -22.91 27.01 -25.95
CA LEU A 345 -21.61 26.42 -26.23
C LEU A 345 -21.76 24.93 -26.51
N LEU A 346 -20.87 24.40 -27.34
CA LEU A 346 -20.86 22.99 -27.69
C LEU A 346 -19.42 22.49 -27.71
N THR A 347 -19.18 21.34 -27.09
CA THR A 347 -17.87 20.71 -27.09
C THR A 347 -17.99 19.23 -27.41
N ALA A 348 -16.93 18.68 -27.99
CA ALA A 348 -16.82 17.26 -28.27
C ALA A 348 -15.36 16.87 -28.24
N GLY A 349 -15.10 15.59 -28.02
CA GLY A 349 -13.73 15.12 -27.95
C GLY A 349 -13.65 13.61 -28.01
N VAL A 350 -12.54 13.13 -28.57
CA VAL A 350 -12.27 11.69 -28.66
C VAL A 350 -10.87 11.45 -28.12
N SER A 351 -10.73 10.41 -27.31
CA SER A 351 -9.45 10.04 -26.71
C SER A 351 -9.20 8.56 -26.93
N ALA A 352 -7.93 8.21 -27.12
CA ALA A 352 -7.54 6.82 -27.33
C ALA A 352 -6.23 6.52 -26.62
N HIS A 353 -6.21 5.41 -25.90
CA HIS A 353 -5.01 4.94 -25.22
C HIS A 353 -4.79 3.47 -25.59
N GLN A 354 -3.53 3.09 -25.71
CA GLN A 354 -3.20 1.69 -26.03
C GLN A 354 -2.06 1.26 -25.13
N HIS A 355 -2.37 0.43 -24.13
CA HIS A 355 -1.39 0.02 -23.13
C HIS A 355 -0.80 -1.33 -23.54
N LEU A 356 0.26 -1.26 -24.33
CA LEU A 356 1.00 -2.47 -24.71
C LEU A 356 1.92 -2.84 -23.56
N VAL A 357 1.56 -3.89 -22.82
CA VAL A 357 2.31 -4.34 -21.66
C VAL A 357 3.00 -5.66 -22.00
N ASN A 358 4.29 -5.71 -21.74
CA ASN A 358 5.14 -6.87 -22.02
C ASN A 358 5.83 -7.31 -20.74
N SER A 359 5.06 -7.41 -19.66
CA SER A 359 5.62 -7.72 -18.36
C SER A 359 6.29 -9.08 -18.36
N LEU A 360 7.62 -9.07 -18.26
CA LEU A 360 8.39 -10.30 -18.20
C LEU A 360 8.15 -11.01 -16.88
N ASP A 361 8.49 -12.29 -16.84
CA ASP A 361 8.37 -13.12 -15.65
C ASP A 361 6.91 -13.22 -15.18
N PHE A 386 3.15 -12.21 -18.31
CA PHE A 386 2.12 -12.03 -19.32
C PHE A 386 2.42 -10.83 -20.22
N ASP A 387 2.24 -11.00 -21.52
CA ASP A 387 2.54 -9.96 -22.50
C ASP A 387 1.29 -9.69 -23.34
N LYS A 388 0.44 -8.79 -22.84
CA LYS A 388 -0.79 -8.42 -23.54
C LYS A 388 -1.34 -7.13 -22.95
N GLY A 389 -2.25 -6.46 -23.67
CA GLY A 389 -2.70 -5.15 -23.24
C GLY A 389 -4.10 -4.85 -23.71
N ARG A 390 -4.46 -3.57 -23.60
CA ARG A 390 -5.83 -3.13 -23.85
C ARG A 390 -5.83 -1.89 -24.74
N ILE A 391 -6.89 -1.73 -25.51
CA ILE A 391 -7.16 -0.50 -26.26
C ILE A 391 -8.30 0.22 -25.56
N GLU A 392 -8.14 1.53 -25.36
CA GLU A 392 -9.07 2.32 -24.55
C GLU A 392 -9.56 3.49 -25.36
N LEU A 393 -10.89 3.60 -25.52
CA LEU A 393 -11.50 4.67 -26.27
C LEU A 393 -12.48 5.43 -25.38
N SER A 394 -12.52 6.75 -25.56
CA SER A 394 -13.43 7.60 -24.81
C SER A 394 -13.90 8.75 -25.69
N GLY A 395 -15.19 9.04 -25.63
CA GLY A 395 -15.75 10.16 -26.36
C GLY A 395 -16.80 10.85 -25.53
N ASN A 396 -16.93 12.16 -25.73
CA ASN A 396 -17.86 12.95 -24.95
C ASN A 396 -18.38 14.12 -25.76
N VAL A 397 -19.66 14.44 -25.55
CA VAL A 397 -20.31 15.61 -26.14
C VAL A 397 -21.00 16.37 -25.02
N SER A 398 -20.82 17.68 -24.99
CA SER A 398 -21.34 18.49 -23.89
C SER A 398 -22.04 19.73 -24.43
N LEU A 399 -23.10 20.14 -23.73
CA LEU A 399 -23.82 21.37 -24.03
C LEU A 399 -23.80 22.27 -22.81
N LYS A 400 -23.32 23.50 -22.99
CA LYS A 400 -23.36 24.52 -21.95
C LYS A 400 -24.32 25.62 -22.38
N TRP A 401 -25.26 25.98 -21.52
CA TRP A 401 -26.26 26.98 -21.87
C TRP A 401 -26.43 27.94 -20.70
N GLN A 402 -26.60 29.22 -21.03
CA GLN A 402 -26.75 30.29 -20.04
C GLN A 402 -28.01 31.07 -20.41
N PRO A 403 -29.19 30.55 -20.05
CA PRO A 403 -30.43 31.18 -20.53
C PRO A 403 -30.65 32.57 -19.96
N VAL A 404 -30.39 32.78 -18.68
CA VAL A 404 -30.51 34.10 -18.07
C VAL A 404 -29.19 34.45 -17.40
N ASN A 405 -29.12 35.63 -16.80
CA ASN A 405 -27.87 36.08 -16.18
C ASN A 405 -27.52 35.21 -14.97
N ARG A 406 -28.53 34.78 -14.22
CA ARG A 406 -28.30 34.01 -13.00
C ARG A 406 -28.11 32.52 -13.27
N LEU A 407 -29.13 31.90 -13.87
CA LEU A 407 -29.14 30.45 -14.05
C LEU A 407 -28.12 30.02 -15.10
N GLY A 408 -27.61 28.80 -14.92
CA GLY A 408 -26.72 28.20 -15.90
C GLY A 408 -26.79 26.68 -15.86
N MET A 409 -26.84 26.04 -17.03
CA MET A 409 -27.00 24.60 -17.12
C MET A 409 -25.87 23.99 -17.93
N SER A 410 -25.63 22.71 -17.72
CA SER A 410 -24.63 21.97 -18.48
C SER A 410 -25.02 20.50 -18.51
N LEU A 411 -24.81 19.85 -19.65
CA LEU A 411 -25.10 18.43 -19.82
C LEU A 411 -23.95 17.77 -20.55
N VAL A 412 -23.45 16.67 -19.99
CA VAL A 412 -22.30 15.96 -20.54
C VAL A 412 -22.70 14.51 -20.76
N LEU A 413 -22.36 13.99 -21.95
CA LEU A 413 -22.63 12.60 -22.30
C LEU A 413 -21.31 11.96 -22.71
N ARG A 414 -20.92 10.90 -22.00
CA ARG A 414 -19.64 10.26 -22.25
C ARG A 414 -19.82 8.76 -22.45
N GLY A 415 -19.09 8.21 -23.41
CA GLY A 415 -19.09 6.77 -23.63
C GLY A 415 -17.68 6.24 -23.70
N GLU A 416 -17.51 4.99 -23.28
CA GLU A 416 -16.20 4.38 -23.16
C GLU A 416 -16.24 2.96 -23.71
N MET A 417 -15.06 2.47 -24.08
CA MET A 417 -14.92 1.09 -24.56
C MET A 417 -13.47 0.68 -24.30
N PHE A 418 -13.26 -0.19 -23.31
CA PHE A 418 -11.91 -0.58 -22.89
C PHE A 418 -11.64 -2.00 -23.36
N GLY A 419 -10.84 -2.11 -24.41
CA GLY A 419 -10.41 -3.39 -24.94
C GLY A 419 -11.43 -4.05 -25.85
N THR A 420 -12.44 -4.69 -25.26
CA THR A 420 -13.50 -5.31 -26.04
C THR A 420 -14.88 -5.13 -25.44
N LYS A 421 -15.01 -4.49 -24.28
CA LYS A 421 -16.27 -4.37 -23.57
C LYS A 421 -16.69 -2.91 -23.51
N TRP A 422 -17.90 -2.62 -23.99
CA TRP A 422 -18.44 -1.28 -23.90
C TRP A 422 -18.96 -1.01 -22.49
N ALA A 423 -19.23 0.26 -22.23
CA ALA A 423 -19.77 0.65 -20.95
C ALA A 423 -21.05 1.45 -21.13
N PRO A 424 -21.94 1.44 -20.15
CA PRO A 424 -23.15 2.28 -20.25
C PRO A 424 -22.78 3.75 -20.34
N VAL A 425 -23.63 4.51 -21.01
CA VAL A 425 -23.37 5.94 -21.20
C VAL A 425 -23.30 6.61 -19.83
N ILE A 426 -22.30 7.47 -19.65
CA ILE A 426 -22.11 8.20 -18.41
C ILE A 426 -22.69 9.60 -18.60
N PRO A 427 -23.84 9.91 -18.00
CA PRO A 427 -24.37 11.27 -18.07
C PRO A 427 -23.93 12.10 -16.89
N ALA A 428 -24.08 13.42 -17.05
CA ALA A 428 -23.74 14.36 -16.00
C ALA A 428 -24.47 15.66 -16.26
N PHE A 429 -25.11 16.20 -15.21
CA PHE A 429 -25.85 17.44 -15.30
C PHE A 429 -25.36 18.39 -14.23
N PHE A 430 -24.93 19.59 -14.65
CA PHE A 430 -24.46 20.62 -13.74
C PHE A 430 -25.33 21.85 -13.88
N VAL A 431 -25.77 22.39 -12.75
CA VAL A 431 -26.61 23.59 -12.73
C VAL A 431 -26.02 24.58 -11.73
N ASP A 432 -26.05 25.85 -12.09
CA ASP A 432 -25.44 26.91 -11.31
C ASP A 432 -26.41 28.09 -11.22
N TYR A 433 -26.56 28.65 -10.03
CA TYR A 433 -27.48 29.77 -9.82
C TYR A 433 -26.83 30.77 -8.88
N VAL A 434 -27.14 32.05 -9.09
CA VAL A 434 -26.55 33.14 -8.31
C VAL A 434 -27.62 33.64 -7.35
N LEU A 435 -27.46 33.32 -6.06
CA LEU A 435 -28.44 33.73 -5.07
C LEU A 435 -28.40 35.23 -4.82
N SER A 436 -27.20 35.81 -4.75
CA SER A 436 -27.08 37.24 -4.50
C SER A 436 -25.80 37.76 -5.16
N LYS A 437 -25.94 38.87 -5.88
CA LYS A 437 -24.78 39.52 -6.49
C LYS A 437 -23.95 40.30 -5.49
N ARG A 438 -24.55 40.69 -4.36
CA ARG A 438 -23.84 41.51 -3.38
C ARG A 438 -22.60 40.81 -2.85
N GLY A 439 -22.78 39.68 -2.17
CA GLY A 439 -21.66 38.94 -1.64
C GLY A 439 -21.23 37.80 -2.54
N ASN A 440 -21.70 37.80 -3.79
CA ASN A 440 -21.40 36.77 -4.76
C ASN A 440 -21.80 35.38 -4.27
N ILE A 441 -22.88 35.31 -3.49
CA ILE A 441 -23.34 34.01 -2.99
C ILE A 441 -23.87 33.22 -4.17
N MET A 442 -23.36 32.01 -4.36
CA MET A 442 -23.67 31.20 -5.53
C MET A 442 -23.98 29.78 -5.09
N ALA A 443 -24.96 29.15 -5.75
CA ALA A 443 -25.38 27.80 -5.43
C ALA A 443 -25.05 26.87 -6.59
N LYS A 444 -24.66 25.64 -6.25
CA LYS A 444 -24.21 24.67 -7.24
C LYS A 444 -24.88 23.32 -6.97
N ALA A 445 -24.97 22.51 -8.02
CA ALA A 445 -25.49 21.15 -7.91
C ALA A 445 -25.00 20.33 -9.08
N SER A 446 -24.96 19.02 -8.90
CA SER A 446 -24.53 18.12 -9.96
C SER A 446 -25.05 16.71 -9.67
N ILE A 447 -24.99 15.86 -10.69
CA ILE A 447 -25.43 14.48 -10.58
C ILE A 447 -24.84 13.70 -11.75
N THR A 448 -24.51 12.43 -11.51
CA THR A 448 -23.90 11.61 -12.55
C THR A 448 -24.04 10.14 -12.20
N ARG A 449 -23.67 9.29 -13.15
CA ARG A 449 -23.55 7.84 -12.95
C ARG A 449 -22.28 7.39 -13.65
N ASN A 450 -21.21 7.20 -12.88
CA ASN A 450 -19.89 6.94 -13.41
C ASN A 450 -19.55 5.46 -13.29
N TYR A 451 -18.69 4.99 -14.20
CA TYR A 451 -18.27 3.60 -14.26
C TYR A 451 -16.76 3.53 -14.35
N ARG A 452 -16.15 2.60 -13.63
CA ARG A 452 -14.71 2.40 -13.64
C ARG A 452 -14.38 0.99 -14.08
N PHE A 453 -13.53 0.85 -15.10
CA PHE A 453 -13.13 -0.45 -15.60
C PHE A 453 -12.09 -1.09 -14.68
N PRO A 454 -12.02 -2.42 -14.65
CA PRO A 454 -11.00 -3.09 -13.84
C PRO A 454 -9.61 -2.83 -14.39
N THR A 455 -8.63 -2.86 -13.48
CA THR A 455 -7.25 -2.66 -13.88
C THR A 455 -6.75 -3.88 -14.65
N LEU A 456 -5.55 -3.74 -15.21
CA LEU A 456 -5.02 -4.79 -16.08
C LEU A 456 -4.57 -6.00 -15.29
N ASN A 457 -4.20 -5.82 -14.02
CA ASN A 457 -3.88 -6.97 -13.17
C ASN A 457 -5.13 -7.69 -12.71
N ASP A 458 -6.22 -6.96 -12.47
CA ASP A 458 -7.48 -7.61 -12.09
C ASP A 458 -8.00 -8.51 -13.21
N LEU A 459 -7.59 -8.25 -14.45
CA LEU A 459 -8.02 -9.05 -15.59
C LEU A 459 -7.01 -10.12 -15.97
N TYR A 460 -5.75 -9.74 -16.13
CA TYR A 460 -4.70 -10.60 -16.69
C TYR A 460 -3.54 -10.66 -15.70
N PHE A 461 -3.50 -11.69 -14.86
CA PHE A 461 -2.45 -11.78 -13.86
C PHE A 461 -2.17 -13.24 -13.55
N LEU A 462 -0.92 -13.53 -13.14
CA LEU A 462 -0.46 -14.91 -13.12
C LEU A 462 -1.14 -15.74 -12.03
N PRO A 463 -0.94 -15.47 -10.72
CA PRO A 463 -1.74 -16.24 -9.73
C PRO A 463 -3.07 -15.59 -9.37
N GLY A 464 -4.05 -15.78 -10.24
CA GLY A 464 -5.35 -15.16 -10.10
C GLY A 464 -5.61 -14.15 -11.19
N GLY A 465 -6.31 -14.56 -12.23
CA GLY A 465 -6.42 -13.77 -13.43
C GLY A 465 -7.81 -13.71 -14.04
N ASN A 466 -8.86 -13.70 -13.21
CA ASN A 466 -10.26 -13.73 -13.64
C ASN A 466 -10.54 -12.75 -14.79
N PRO A 467 -10.81 -13.26 -15.99
CA PRO A 467 -11.10 -12.34 -17.12
C PRO A 467 -12.50 -11.77 -17.04
N ALA A 468 -13.46 -12.59 -16.61
CA ALA A 468 -14.87 -12.22 -16.61
C ALA A 468 -15.18 -11.45 -15.32
N LEU A 469 -14.80 -10.18 -15.33
CA LEU A 469 -14.97 -9.29 -14.18
C LEU A 469 -15.77 -8.07 -14.59
N ASN A 470 -16.73 -7.69 -13.75
CA ASN A 470 -17.55 -6.52 -14.02
C ASN A 470 -16.80 -5.24 -13.67
N ASN A 471 -17.40 -4.11 -14.02
CA ASN A 471 -16.81 -2.81 -13.75
C ASN A 471 -17.63 -2.08 -12.70
N GLU A 472 -16.95 -1.36 -11.82
CA GLU A 472 -17.60 -0.66 -10.73
C GLU A 472 -18.51 0.44 -11.27
N SER A 473 -19.53 0.78 -10.49
CA SER A 473 -20.44 1.86 -10.83
C SER A 473 -20.63 2.76 -9.62
N GLY A 474 -20.93 4.03 -9.89
CA GLY A 474 -21.12 4.99 -8.82
C GLY A 474 -22.12 6.08 -9.16
N PHE A 475 -23.10 6.29 -8.29
CA PHE A 475 -24.10 7.32 -8.46
C PHE A 475 -23.81 8.46 -7.49
N THR A 476 -23.70 9.67 -8.00
CA THR A 476 -23.21 10.81 -7.22
C THR A 476 -24.16 11.99 -7.39
N TYR A 477 -24.38 12.73 -6.32
CA TYR A 477 -25.01 14.04 -6.42
C TYR A 477 -24.40 14.96 -5.38
N GLU A 478 -24.17 16.20 -5.76
CA GLU A 478 -23.50 17.17 -4.91
C GLU A 478 -24.28 18.49 -4.90
N THR A 479 -24.04 19.28 -3.86
CA THR A 479 -24.59 20.62 -3.74
C THR A 479 -23.67 21.43 -2.85
N GLY A 480 -23.63 22.74 -3.08
CA GLY A 480 -22.71 23.58 -2.33
C GLY A 480 -22.99 25.04 -2.56
N LEU A 481 -22.28 25.86 -1.79
CA LEU A 481 -22.38 27.31 -1.85
C LEU A 481 -20.98 27.92 -1.95
N SER A 482 -20.92 29.20 -2.30
CA SER A 482 -19.66 29.91 -2.41
C SER A 482 -19.90 31.39 -2.17
N PHE A 483 -18.82 32.12 -1.86
CA PHE A 483 -18.93 33.55 -1.61
C PHE A 483 -17.58 34.20 -1.83
N SER A 484 -17.61 35.53 -1.93
CA SER A 484 -16.41 36.35 -2.09
C SER A 484 -16.73 37.77 -1.70
N VAL A 485 -16.01 38.33 -0.73
CA VAL A 485 -16.35 39.61 -0.13
C VAL A 485 -15.23 40.62 -0.31
N ASP A 486 -14.54 40.55 -1.44
CA ASP A 486 -13.47 41.48 -1.77
C ASP A 486 -13.85 42.93 -1.46
N LYS A 487 -12.99 43.62 -0.72
CA LYS A 487 -13.20 44.99 -0.30
C LYS A 487 -12.09 45.86 -0.90
N ASP A 488 -12.09 47.15 -0.56
CA ASP A 488 -11.20 48.12 -1.19
C ASP A 488 -9.75 47.96 -0.73
N ASN A 489 -9.10 46.89 -1.18
CA ASN A 489 -7.68 46.64 -0.91
C ASN A 489 -7.39 46.61 0.59
N VAL A 490 -8.31 46.05 1.36
CA VAL A 490 -8.13 45.84 2.79
C VAL A 490 -8.03 44.35 3.12
N TYR A 491 -8.99 43.56 2.64
CA TYR A 491 -8.93 42.12 2.80
C TYR A 491 -9.74 41.45 1.70
N THR A 492 -9.46 40.17 1.48
CA THR A 492 -10.17 39.37 0.47
C THR A 492 -10.49 38.02 1.11
N LEU A 493 -11.76 37.79 1.41
CA LEU A 493 -12.23 36.56 2.03
C LEU A 493 -13.16 35.83 1.06
N SER A 494 -12.86 34.56 0.82
CA SER A 494 -13.68 33.73 -0.06
C SER A 494 -13.61 32.29 0.43
N GLY A 495 -14.66 31.51 0.15
CA GLY A 495 -14.72 30.14 0.59
C GLY A 495 -15.88 29.41 -0.05
N SER A 496 -16.05 28.15 0.35
CA SER A 496 -17.12 27.33 -0.17
C SER A 496 -17.41 26.21 0.82
N ALA A 497 -18.62 25.64 0.70
CA ALA A 497 -19.01 24.50 1.51
C ALA A 497 -19.95 23.63 0.69
N SER A 498 -19.55 22.39 0.44
CA SER A 498 -20.31 21.51 -0.44
C SER A 498 -20.60 20.19 0.25
N TRP A 499 -21.79 19.66 0.02
CA TRP A 499 -22.21 18.36 0.52
C TRP A 499 -22.27 17.37 -0.64
N PHE A 500 -21.68 16.19 -0.45
CA PHE A 500 -21.67 15.18 -1.50
C PHE A 500 -22.11 13.84 -0.92
N ASP A 501 -22.90 13.11 -1.71
CA ASP A 501 -23.40 11.80 -1.32
C ASP A 501 -23.21 10.86 -2.51
N GLN A 502 -22.51 9.76 -2.28
CA GLN A 502 -22.04 8.95 -3.40
C GLN A 502 -22.09 7.48 -3.01
N HIS A 503 -22.58 6.65 -3.92
CA HIS A 503 -22.75 5.22 -3.67
C HIS A 503 -21.88 4.43 -4.62
N ILE A 504 -21.05 3.54 -4.06
CA ILE A 504 -20.17 2.67 -4.82
C ILE A 504 -20.78 1.27 -4.85
N ASN A 505 -20.87 0.69 -6.04
CA ASN A 505 -21.34 -0.68 -6.21
C ASN A 505 -20.32 -1.46 -7.03
N ASP A 506 -20.27 -2.77 -6.79
CA ASP A 506 -19.37 -3.67 -7.50
C ASP A 506 -17.91 -3.29 -7.32
N TRP A 507 -17.55 -2.83 -6.14
CA TRP A 507 -16.16 -2.54 -5.80
C TRP A 507 -15.32 -3.80 -5.96
N ILE A 508 -14.19 -3.67 -6.65
CA ILE A 508 -13.32 -4.80 -6.93
C ILE A 508 -12.33 -4.94 -5.78
N ILE A 509 -12.33 -6.11 -5.13
CA ILE A 509 -11.44 -6.39 -4.02
C ILE A 509 -10.90 -7.80 -4.19
N TRP A 510 -9.66 -8.03 -3.76
CA TRP A 510 -9.05 -9.36 -3.79
C TRP A 510 -9.13 -9.97 -2.40
N LEU A 511 -9.69 -11.18 -2.33
CA LEU A 511 -9.74 -11.95 -1.11
C LEU A 511 -9.85 -13.42 -1.51
N PRO A 512 -9.00 -14.29 -0.95
CA PRO A 512 -9.03 -15.73 -1.22
C PRO A 512 -10.38 -16.37 -0.86
N SER A 519 -7.38 -12.28 -6.30
CA SER A 519 -8.57 -12.84 -6.94
C SER A 519 -9.75 -11.89 -6.82
N PRO A 520 -10.16 -11.30 -7.94
CA PRO A 520 -11.31 -10.39 -7.93
C PRO A 520 -12.58 -11.12 -7.55
N VAL A 521 -13.37 -10.52 -6.65
CA VAL A 521 -14.61 -11.12 -6.19
C VAL A 521 -15.74 -10.11 -6.22
N ASN A 522 -15.44 -8.89 -6.70
CA ASN A 522 -16.41 -7.80 -6.73
C ASN A 522 -17.01 -7.53 -5.36
N LEU A 523 -18.33 -7.32 -5.30
CA LEU A 523 -19.04 -7.00 -4.06
C LEU A 523 -18.55 -5.70 -3.45
N LYS A 524 -18.57 -5.62 -2.12
CA LYS A 524 -18.08 -4.45 -1.37
C LYS A 524 -18.85 -3.19 -1.77
N LYS A 525 -20.13 -3.18 -1.44
CA LYS A 525 -20.91 -1.96 -1.57
C LYS A 525 -20.46 -0.94 -0.54
N VAL A 526 -20.15 0.27 -1.00
CA VAL A 526 -19.60 1.31 -0.15
C VAL A 526 -20.41 2.59 -0.31
N HIS A 527 -20.75 3.20 0.82
CA HIS A 527 -21.46 4.48 0.86
C HIS A 527 -20.49 5.55 1.33
N ALA A 528 -20.23 6.53 0.47
CA ALA A 528 -19.30 7.62 0.78
C ALA A 528 -20.05 8.94 0.70
N TYR A 529 -19.95 9.74 1.76
CA TYR A 529 -20.65 11.02 1.82
C TYR A 529 -19.89 11.92 2.78
N GLY A 530 -20.29 13.18 2.83
CA GLY A 530 -19.67 14.10 3.77
C GLY A 530 -19.78 15.54 3.30
N VAL A 531 -18.97 16.39 3.94
CA VAL A 531 -18.98 17.83 3.71
C VAL A 531 -17.55 18.30 3.49
N GLU A 532 -17.36 19.18 2.50
CA GLU A 532 -16.06 19.79 2.23
C GLU A 532 -16.16 21.29 2.41
N VAL A 533 -15.21 21.86 3.15
CA VAL A 533 -15.17 23.29 3.43
C VAL A 533 -13.74 23.79 3.19
N GLN A 534 -13.63 24.93 2.52
CA GLN A 534 -12.34 25.58 2.33
C GLN A 534 -12.56 27.09 2.30
N ALA A 535 -11.53 27.83 2.71
CA ALA A 535 -11.64 29.28 2.80
C ALA A 535 -10.26 29.91 2.64
N ASP A 536 -10.23 31.09 2.01
CA ASP A 536 -9.01 31.84 1.80
C ASP A 536 -9.17 33.23 2.40
N TYR A 537 -8.07 33.77 2.92
CA TYR A 537 -8.09 35.09 3.54
C TYR A 537 -6.75 35.77 3.30
N ALA A 538 -6.79 37.08 3.05
CA ALA A 538 -5.58 37.86 2.79
C ALA A 538 -5.82 39.29 3.22
N VAL A 539 -5.11 39.74 4.24
CA VAL A 539 -5.29 41.07 4.81
C VAL A 539 -3.93 41.75 4.93
N ALA A 540 -3.91 43.06 4.67
CA ALA A 540 -2.72 43.88 4.82
C ALA A 540 -2.85 44.65 6.13
N ILE A 541 -2.16 44.19 7.17
CA ILE A 541 -2.24 44.84 8.47
C ILE A 541 -1.70 46.27 8.38
N ASP A 542 -0.52 46.41 7.77
CA ASP A 542 0.11 47.71 7.61
C ASP A 542 0.45 47.93 6.14
N LYS A 543 1.21 48.98 5.84
CA LYS A 543 1.65 49.21 4.48
C LYS A 543 2.79 48.28 4.07
N ALA A 544 3.37 47.53 5.01
CA ALA A 544 4.47 46.63 4.72
C ALA A 544 4.23 45.19 5.17
N TRP A 545 3.19 44.93 5.94
CA TRP A 545 2.90 43.59 6.44
C TRP A 545 1.70 43.00 5.71
N LYS A 546 1.86 41.78 5.23
CA LYS A 546 0.79 41.05 4.56
C LYS A 546 0.62 39.69 5.22
N LEU A 547 -0.62 39.29 5.43
CA LEU A 547 -0.94 38.01 6.05
C LEU A 547 -1.90 37.24 5.15
N GLY A 548 -1.64 35.94 5.00
CA GLY A 548 -2.51 35.09 4.21
C GLY A 548 -2.83 33.78 4.89
N LEU A 549 -4.10 33.42 4.95
CA LEU A 549 -4.55 32.19 5.59
C LEU A 549 -5.35 31.36 4.60
N ASN A 550 -4.95 30.10 4.42
CA ASN A 550 -5.68 29.15 3.60
C ASN A 550 -5.99 27.93 4.44
N GLY A 551 -7.26 27.58 4.54
CA GLY A 551 -7.68 26.46 5.36
C GLY A 551 -8.73 25.61 4.66
N THR A 552 -8.62 24.30 4.84
CA THR A 552 -9.58 23.35 4.29
C THR A 552 -10.02 22.40 5.39
N PHE A 553 -11.22 21.86 5.24
CA PHE A 553 -11.76 20.88 6.17
C PHE A 553 -12.62 19.89 5.40
N ALA A 554 -12.61 18.64 5.84
CA ALA A 554 -13.38 17.60 5.17
C ALA A 554 -13.78 16.53 6.16
N TRP A 555 -15.08 16.32 6.29
CA TRP A 555 -15.65 15.22 7.06
C TRP A 555 -16.11 14.17 6.05
N THR A 556 -15.39 13.06 5.95
CA THR A 556 -15.60 12.06 4.91
C THR A 556 -15.77 10.67 5.50
N PRO A 557 -16.96 10.35 6.00
CA PRO A 557 -17.24 8.95 6.34
C PRO A 557 -17.23 8.08 5.09
N SER A 558 -16.75 6.85 5.26
CA SER A 558 -16.71 5.87 4.17
C SER A 558 -17.25 4.56 4.74
N ILE A 559 -18.55 4.40 4.66
CA ILE A 559 -19.25 3.27 5.26
C ILE A 559 -19.53 2.24 4.18
N ASN A 560 -19.26 0.97 4.48
CA ASN A 560 -19.55 -0.12 3.56
C ASN A 560 -20.88 -0.76 3.93
N GLU A 561 -21.74 -0.93 2.93
CA GLU A 561 -23.09 -1.44 3.12
C GLU A 561 -23.24 -2.88 2.63
N GLY A 562 -22.15 -3.57 2.39
CA GLY A 562 -22.25 -4.91 1.82
C GLY A 562 -22.89 -5.90 2.78
N GLU A 563 -23.44 -6.96 2.20
CA GLU A 563 -24.04 -8.01 3.01
C GLU A 563 -22.95 -8.71 3.82
N PRO A 564 -23.19 -9.01 5.09
CA PRO A 564 -22.15 -9.61 5.93
C PRO A 564 -21.63 -10.92 5.40
N THR A 565 -20.36 -10.95 5.00
CA THR A 565 -19.73 -12.22 4.67
C THR A 565 -19.54 -13.05 5.94
N SER A 566 -19.75 -14.36 5.82
CA SER A 566 -19.74 -15.24 6.97
C SER A 566 -20.74 -14.78 8.02
N LYS A 567 -20.45 -15.03 9.30
CA LYS A 567 -21.37 -14.69 10.38
C LYS A 567 -20.75 -13.82 11.47
N ALA A 568 -19.43 -13.79 11.60
CA ALA A 568 -18.76 -12.99 12.61
C ALA A 568 -18.22 -11.68 12.04
N ASP A 569 -18.60 -11.33 10.82
CA ASP A 569 -18.10 -10.12 10.18
C ASP A 569 -18.61 -8.90 10.94
N GLN A 570 -17.74 -8.28 11.71
CA GLN A 570 -18.09 -7.03 12.39
C GLN A 570 -17.67 -5.82 11.56
N SER A 571 -18.03 -5.83 10.28
CA SER A 571 -17.57 -4.78 9.37
C SER A 571 -18.71 -4.03 8.68
N VAL A 572 -19.95 -4.46 8.84
CA VAL A 572 -21.06 -3.74 8.23
C VAL A 572 -21.34 -2.47 9.02
N GLY A 573 -21.40 -1.34 8.32
CA GLY A 573 -21.57 -0.06 8.97
C GLY A 573 -20.30 0.50 9.58
N LYS A 574 -19.14 0.11 9.06
CA LYS A 574 -17.86 0.46 9.64
C LYS A 574 -17.03 1.29 8.68
N GLN A 575 -16.18 2.14 9.24
CA GLN A 575 -15.26 2.95 8.45
C GLN A 575 -14.26 2.06 7.72
N LEU A 576 -13.94 2.43 6.49
CA LEU A 576 -12.98 1.66 5.71
C LEU A 576 -11.58 1.82 6.28
N PRO A 577 -10.70 0.84 6.08
CA PRO A 577 -9.34 0.94 6.60
C PRO A 577 -8.56 2.06 5.95
N TYR A 578 -7.70 2.70 6.75
CA TYR A 578 -6.78 3.73 6.28
C TYR A 578 -7.50 4.85 5.56
N ILE A 579 -8.66 5.26 6.10
CA ILE A 579 -9.36 6.44 5.61
C ILE A 579 -9.82 7.25 6.81
N PRO A 580 -9.20 8.40 7.09
CA PRO A 580 -9.61 9.20 8.24
C PRO A 580 -11.00 9.76 8.05
N GLU A 581 -11.73 9.88 9.16
CA GLU A 581 -13.06 10.49 9.10
C GLU A 581 -12.99 12.00 9.00
N TYR A 582 -11.96 12.62 9.58
CA TYR A 582 -11.81 14.06 9.57
C TYR A 582 -10.44 14.43 9.04
N SER A 583 -10.36 15.60 8.41
CA SER A 583 -9.11 16.13 7.90
C SER A 583 -9.18 17.65 7.87
N ALA A 584 -8.02 18.28 8.06
CA ALA A 584 -7.95 19.73 8.03
C ALA A 584 -6.54 20.15 7.70
N THR A 585 -6.42 21.29 7.03
CA THR A 585 -5.14 21.90 6.73
C THR A 585 -5.23 23.39 7.00
N LEU A 586 -4.08 24.01 7.28
CA LEU A 586 -4.01 25.44 7.48
C LEU A 586 -2.62 25.93 7.10
N SER A 587 -2.56 26.93 6.22
CA SER A 587 -1.31 27.47 5.74
C SER A 587 -1.29 28.98 5.97
N GLY A 588 -0.29 29.45 6.70
CA GLY A 588 -0.16 30.87 6.97
C GLY A 588 1.12 31.45 6.42
N ARG A 589 1.04 32.61 5.77
CA ARG A 589 2.18 33.26 5.15
C ARG A 589 2.24 34.70 5.61
N LEU A 590 3.41 35.12 6.09
CA LEU A 590 3.62 36.48 6.55
C LEU A 590 4.78 37.09 5.77
N THR A 591 4.56 38.28 5.21
CA THR A 591 5.54 38.95 4.37
C THR A 591 5.84 40.33 4.93
N TYR A 592 7.13 40.64 5.05
CA TYR A 592 7.58 41.95 5.50
C TYR A 592 8.80 42.32 4.66
N ARG A 593 8.61 43.20 3.69
CA ARG A 593 9.65 43.56 2.73
C ARG A 593 10.22 42.33 2.05
N SER A 594 11.48 42.00 2.35
CA SER A 594 12.13 40.83 1.79
C SER A 594 12.10 39.63 2.72
N TRP A 595 11.44 39.74 3.86
CA TRP A 595 11.33 38.64 4.82
C TRP A 595 10.03 37.88 4.57
N GLY A 596 10.10 36.56 4.70
CA GLY A 596 8.91 35.73 4.54
C GLY A 596 8.87 34.55 5.48
N LEU A 597 7.75 34.40 6.20
CA LEU A 597 7.55 33.29 7.12
C LEU A 597 6.34 32.48 6.67
N LEU A 598 6.53 31.17 6.55
CA LEU A 598 5.47 30.27 6.09
C LEU A 598 5.21 29.22 7.16
N TYR A 599 3.93 28.90 7.35
CA TYR A 599 3.50 27.93 8.35
C TYR A 599 2.56 26.93 7.69
N LYS A 600 2.86 25.64 7.84
CA LYS A 600 2.04 24.58 7.28
C LYS A 600 1.61 23.63 8.39
N TRP A 601 0.33 23.31 8.44
CA TRP A 601 -0.23 22.43 9.47
C TRP A 601 -1.20 21.46 8.83
N CYS A 602 -1.07 20.19 9.17
CA CYS A 602 -1.93 19.13 8.62
C CYS A 602 -2.53 18.33 9.76
N TYR A 603 -3.81 17.99 9.62
CA TYR A 603 -4.53 17.20 10.61
C TYR A 603 -5.24 16.05 9.94
N TYR A 604 -4.99 14.83 10.42
CA TYR A 604 -5.74 13.64 10.02
C TYR A 604 -6.33 13.00 11.26
N SER A 605 -7.58 12.57 11.16
CA SER A 605 -8.20 11.86 12.27
C SER A 605 -7.60 10.45 12.36
N GLU A 606 -8.16 9.66 13.27
CA GLU A 606 -7.63 8.31 13.48
C GLU A 606 -7.88 7.45 12.25
N ARG A 607 -6.87 6.65 11.89
CA ARG A 607 -6.95 5.75 10.75
C ARG A 607 -6.95 4.33 11.27
N TYR A 608 -7.97 3.57 10.89
CA TYR A 608 -8.15 2.22 11.39
C TYR A 608 -7.46 1.22 10.46
N THR A 609 -6.76 0.26 11.05
CA THR A 609 -6.05 -0.76 10.29
C THR A 609 -6.83 -2.06 10.18
N MET A 610 -8.06 -2.12 10.72
CA MET A 610 -8.90 -3.30 10.61
C MET A 610 -10.29 -2.87 10.15
N THR A 611 -10.92 -3.74 9.37
CA THR A 611 -12.25 -3.44 8.86
C THR A 611 -13.31 -3.44 9.95
N SER A 612 -13.03 -4.06 11.10
CA SER A 612 -13.97 -4.07 12.21
C SER A 612 -13.82 -2.89 13.15
N ASN A 613 -12.79 -2.06 12.95
CA ASN A 613 -12.52 -0.89 13.77
C ASN A 613 -12.34 -1.27 15.24
N ALA A 614 -11.88 -2.49 15.50
CA ALA A 614 -11.72 -2.95 16.87
C ALA A 614 -10.49 -2.31 17.51
N VAL A 615 -10.54 -2.20 18.83
CA VAL A 615 -9.43 -1.62 19.58
C VAL A 615 -8.34 -2.67 19.75
N SER A 616 -7.12 -2.33 19.34
CA SER A 616 -6.00 -3.25 19.42
C SER A 616 -4.78 -2.50 19.94
N TYR A 617 -3.91 -3.23 20.65
CA TYR A 617 -2.67 -2.63 21.13
C TYR A 617 -1.65 -2.49 20.00
N THR A 618 -1.61 -3.45 19.08
CA THR A 618 -0.60 -3.52 18.05
C THR A 618 -1.07 -2.95 16.72
N GLY A 619 -2.23 -2.31 16.67
CA GLY A 619 -2.73 -1.76 15.43
C GLY A 619 -3.35 -0.40 15.59
N HIS A 620 -2.86 0.39 16.53
CA HIS A 620 -3.45 1.69 16.85
C HIS A 620 -2.64 2.79 16.18
N LEU A 621 -3.30 3.60 15.36
CA LEU A 621 -2.69 4.78 14.76
C LEU A 621 -3.33 6.02 15.35
N PRO A 622 -2.59 6.85 16.10
CA PRO A 622 -3.17 8.05 16.68
C PRO A 622 -3.46 9.09 15.61
N PRO A 623 -4.29 10.08 15.91
CA PRO A 623 -4.52 11.16 14.95
C PRO A 623 -3.21 11.88 14.63
N TYR A 624 -3.07 12.28 13.37
CA TYR A 624 -1.80 12.78 12.84
C TYR A 624 -1.85 14.30 12.77
N LEU A 625 -0.96 14.95 13.51
CA LEU A 625 -0.82 16.40 13.50
C LEU A 625 0.64 16.73 13.24
N MET A 626 0.89 17.58 12.24
CA MET A 626 2.25 17.95 11.87
C MET A 626 2.32 19.44 11.58
N SER A 627 3.49 20.03 11.85
CA SER A 627 3.70 21.46 11.70
C SER A 627 5.06 21.72 11.08
N ASN A 628 5.09 22.50 10.00
CA ASN A 628 6.31 22.85 9.31
C ASN A 628 6.43 24.36 9.20
N VAL A 629 7.65 24.88 9.36
CA VAL A 629 7.92 26.30 9.34
C VAL A 629 9.05 26.58 8.35
N THR A 630 8.91 27.63 7.56
CA THR A 630 9.93 28.04 6.61
C THR A 630 10.14 29.53 6.68
N LEU A 631 11.40 29.95 6.79
CA LEU A 631 11.78 31.35 6.80
C LEU A 631 12.68 31.62 5.61
N GLU A 632 12.32 32.62 4.79
CA GLU A 632 13.06 32.92 3.58
C GLU A 632 13.46 34.37 3.54
N LYS A 633 14.67 34.63 3.06
CA LYS A 633 15.23 35.98 2.94
C LYS A 633 15.84 36.12 1.56
N GLY A 634 15.54 37.22 0.88
CA GLY A 634 16.00 37.47 -0.48
C GLY A 634 16.90 38.68 -0.55
N PHE A 635 17.98 38.56 -1.31
CA PHE A 635 18.93 39.63 -1.53
C PHE A 635 19.05 39.92 -3.03
N SER A 636 19.41 41.16 -3.35
CA SER A 636 19.54 41.60 -4.73
C SER A 636 20.97 42.09 -4.95
N LEU A 637 21.81 41.23 -5.52
CA LEU A 637 23.19 41.57 -5.82
C LEU A 637 23.25 42.22 -7.20
N ARG A 638 24.46 42.35 -7.75
CA ARG A 638 24.60 43.03 -9.04
C ARG A 638 24.36 42.07 -10.21
N TRP A 639 25.12 40.98 -10.28
CA TRP A 639 25.02 40.04 -11.38
C TRP A 639 24.12 38.85 -11.08
N ALA A 640 23.47 38.82 -9.92
CA ALA A 640 22.59 37.70 -9.59
C ALA A 640 21.63 38.12 -8.49
N ASP A 641 20.59 37.30 -8.32
CA ASP A 641 19.65 37.45 -7.22
C ASP A 641 19.79 36.25 -6.29
N LEU A 642 19.93 36.51 -5.01
CA LEU A 642 20.13 35.47 -4.00
C LEU A 642 18.85 35.29 -3.19
N SER A 643 18.43 34.05 -3.01
CA SER A 643 17.28 33.71 -2.18
C SER A 643 17.70 32.65 -1.19
N LEU A 644 17.70 33.01 0.09
CA LEU A 644 18.06 32.09 1.16
C LEU A 644 16.80 31.72 1.94
N LYS A 645 16.62 30.42 2.16
CA LYS A 645 15.49 29.97 2.97
C LYS A 645 15.89 28.75 3.77
N GLY A 646 15.37 28.66 4.99
CA GLY A 646 15.62 27.53 5.86
C GLY A 646 14.32 26.89 6.32
N THR A 647 14.21 25.58 6.14
CA THR A 647 12.98 24.86 6.42
C THR A 647 13.17 24.00 7.67
N VAL A 648 12.17 24.04 8.55
CA VAL A 648 12.14 23.20 9.75
C VAL A 648 10.91 22.32 9.66
N ASN A 649 11.10 21.03 9.42
CA ASN A 649 10.02 20.07 9.42
C ASN A 649 9.97 19.36 10.76
N ASN A 650 8.77 18.97 11.17
CA ASN A 650 8.53 18.38 12.49
C ASN A 650 8.99 19.34 13.58
N LEU A 651 8.33 20.50 13.63
CA LEU A 651 8.79 21.59 14.49
C LEU A 651 8.77 21.20 15.95
N PHE A 652 7.77 20.44 16.38
CA PHE A 652 7.60 20.12 17.79
C PHE A 652 8.28 18.82 18.18
N ASP A 653 8.97 18.15 17.26
CA ASP A 653 9.74 16.94 17.54
C ASP A 653 8.86 15.84 18.13
N GLU A 654 7.90 15.39 17.34
CA GLU A 654 7.04 14.29 17.75
C GLU A 654 7.70 12.94 17.44
N GLU A 655 7.57 12.01 18.39
CA GLU A 655 7.94 10.62 18.16
C GLU A 655 6.65 9.87 17.85
N TYR A 656 6.38 9.68 16.56
CA TYR A 656 5.07 9.26 16.11
C TYR A 656 5.21 8.12 15.11
N LEU A 657 4.06 7.72 14.55
CA LEU A 657 4.02 6.56 13.65
C LEU A 657 2.77 6.74 12.78
N SER A 658 2.97 7.19 11.54
CA SER A 658 1.84 7.48 10.66
C SER A 658 1.33 6.23 9.96
N VAL A 659 2.25 5.39 9.48
CA VAL A 659 1.91 4.10 8.89
C VAL A 659 2.47 3.01 9.80
N LEU A 660 1.69 1.96 10.02
CA LEU A 660 2.00 0.98 11.04
C LEU A 660 3.38 0.37 10.83
N SER A 661 4.19 0.38 11.90
CA SER A 661 5.53 -0.21 11.90
C SER A 661 6.44 0.44 10.86
N ARG A 662 6.32 1.76 10.70
CA ARG A 662 7.15 2.52 9.77
C ARG A 662 7.77 3.71 10.50
N PRO A 663 9.01 3.60 10.96
CA PRO A 663 9.61 4.69 11.73
C PRO A 663 9.74 5.95 10.90
N MET A 664 9.57 7.09 11.56
CA MET A 664 9.65 8.37 10.88
C MET A 664 10.50 9.34 11.69
N PRO A 665 11.18 10.27 11.04
CA PRO A 665 12.20 11.07 11.73
C PRO A 665 11.60 12.09 12.68
N GLY A 666 12.45 12.54 13.60
CA GLY A 666 12.11 13.63 14.50
C GLY A 666 12.23 14.98 13.82
N ILE A 667 12.72 15.96 14.56
CA ILE A 667 12.90 17.29 14.00
C ILE A 667 14.10 17.28 13.06
N ASN A 668 13.92 17.82 11.86
CA ASN A 668 14.98 17.85 10.86
C ASN A 668 14.94 19.18 10.13
N PHE A 669 16.09 19.56 9.56
CA PHE A 669 16.29 20.87 8.98
C PHE A 669 16.69 20.75 7.52
N GLU A 670 16.70 21.89 6.84
CA GLU A 670 16.89 21.94 5.40
C GLU A 670 17.16 23.39 5.01
N PHE A 671 18.18 23.60 4.17
CA PHE A 671 18.62 24.95 3.86
C PHE A 671 18.86 25.05 2.36
N PHE A 672 18.31 26.09 1.73
CA PHE A 672 18.36 26.26 0.28
C PHE A 672 19.07 27.55 -0.11
N ILE A 673 19.74 27.52 -1.25
CA ILE A 673 20.38 28.69 -1.84
C ILE A 673 19.92 28.78 -3.29
N GLY A 674 19.41 29.94 -3.68
CA GLY A 674 18.95 30.13 -5.04
C GLY A 674 19.62 31.30 -5.74
N ILE A 675 20.17 31.06 -6.93
CA ILE A 675 20.88 32.08 -7.69
C ILE A 675 20.18 32.25 -9.03
N THR A 676 19.87 33.50 -9.38
CA THR A 676 19.27 33.84 -10.66
C THR A 676 20.06 34.97 -11.31
N PRO A 677 20.92 34.67 -12.26
CA PRO A 677 21.75 35.71 -12.87
C PRO A 677 20.92 36.78 -13.57
N LYS A 678 21.43 38.01 -13.52
CA LYS A 678 20.82 39.16 -14.19
C LYS A 678 21.77 39.66 -15.26
N TRP A 679 21.25 39.85 -16.47
CA TRP A 679 22.02 40.36 -17.59
C TRP A 679 21.32 41.59 -18.18
N GLY A 680 21.86 42.06 -19.30
CA GLY A 680 21.33 43.24 -19.95
C GLY A 680 19.93 43.06 -20.51
N CYS B 21 -1.79 19.18 20.57
CA CYS B 21 -1.29 19.14 19.20
C CYS B 21 0.00 18.33 19.12
N MET B 22 0.01 17.17 19.77
CA MET B 22 1.19 16.33 19.83
C MET B 22 0.79 14.86 19.79
N LYS B 23 1.76 14.00 19.50
CA LYS B 23 1.55 12.58 19.29
C LYS B 23 2.58 11.79 20.10
N TRP B 24 2.25 10.53 20.38
CA TRP B 24 3.02 9.74 21.35
C TRP B 24 2.65 8.27 21.24
N ASP B 25 3.58 7.42 21.68
CA ASP B 25 3.34 5.97 21.78
C ASP B 25 4.38 5.31 22.67
N TYR B 26 3.92 4.73 23.78
CA TYR B 26 4.77 3.95 24.69
C TYR B 26 4.12 2.59 24.92
N GLY B 27 4.64 1.86 25.90
CA GLY B 27 4.07 0.58 26.27
C GLY B 27 4.25 0.31 27.75
N LYS B 28 3.40 -0.58 28.27
CA LYS B 28 3.41 -0.93 29.68
C LYS B 28 3.22 -2.44 29.84
N MET B 29 3.93 -3.01 30.80
CA MET B 29 3.94 -4.46 31.01
C MET B 29 2.76 -4.89 31.87
N GLU B 30 2.62 -6.20 32.05
CA GLU B 30 1.49 -6.76 32.79
C GLU B 30 1.80 -8.16 33.31
N PRO B 31 1.52 -8.44 34.58
CA PRO B 31 1.91 -9.73 35.17
C PRO B 31 0.94 -10.87 34.91
N PHE B 32 1.09 -11.57 33.79
CA PHE B 32 0.27 -12.75 33.54
C PHE B 32 0.73 -13.92 34.40
N ARG B 33 -0.23 -14.72 34.86
CA ARG B 33 0.03 -15.86 35.74
C ARG B 33 -0.77 -17.07 35.24
N ALA B 34 -0.68 -17.32 33.93
CA ALA B 34 -1.52 -18.35 33.31
C ALA B 34 -1.20 -19.74 33.84
N THR B 35 -2.26 -20.47 34.18
CA THR B 35 -2.16 -21.85 34.63
C THR B 35 -3.16 -22.70 33.85
N GLY B 36 -3.15 -24.00 34.13
CA GLY B 36 -3.98 -24.93 33.41
C GLY B 36 -3.36 -25.34 32.10
N ASP B 37 -4.10 -26.19 31.38
CA ASP B 37 -3.63 -26.75 30.12
C ASP B 37 -4.31 -25.98 28.98
N GLY B 38 -3.75 -24.83 28.65
CA GLY B 38 -4.33 -23.94 27.68
C GLY B 38 -3.91 -24.26 26.25
N LEU B 39 -4.35 -23.40 25.33
CA LEU B 39 -4.05 -23.53 23.91
C LEU B 39 -3.49 -22.21 23.41
N PHE B 40 -2.38 -22.27 22.69
CA PHE B 40 -1.75 -21.10 22.12
C PHE B 40 -2.16 -20.96 20.67
N ILE B 41 -2.62 -19.77 20.29
CA ILE B 41 -3.01 -19.46 18.92
C ILE B 41 -2.06 -18.41 18.38
N MET B 42 -1.40 -18.73 17.27
CA MET B 42 -0.46 -17.81 16.62
C MET B 42 -1.20 -17.10 15.49
N ASN B 43 -1.53 -15.83 15.71
CA ASN B 43 -2.18 -15.03 14.69
C ASN B 43 -1.12 -14.48 13.74
N GLU B 44 -1.18 -14.88 12.47
CA GLU B 44 -0.16 -14.45 11.52
C GLU B 44 -0.16 -12.94 11.32
N GLY B 45 -1.34 -12.33 11.29
CA GLY B 45 -1.42 -10.93 10.96
C GLY B 45 -1.20 -10.72 9.48
N ASN B 46 -1.24 -9.45 9.08
CA ASN B 46 -1.06 -9.11 7.69
C ASN B 46 0.42 -9.04 7.35
N PHE B 47 0.72 -8.57 6.14
CA PHE B 47 2.04 -8.72 5.54
C PHE B 47 2.61 -7.32 5.30
N GLN B 48 3.80 -7.08 5.82
CA GLN B 48 4.37 -5.73 5.97
C GLN B 48 3.45 -4.79 6.74
N TYR B 49 2.78 -5.31 7.77
CA TYR B 49 2.16 -4.44 8.76
C TYR B 49 2.71 -4.58 10.16
N GLY B 50 3.31 -5.71 10.50
CA GLY B 50 3.83 -5.88 11.84
C GLY B 50 2.75 -5.91 12.90
N ASN B 51 1.63 -6.57 12.61
CA ASN B 51 0.56 -6.75 13.59
C ASN B 51 0.37 -8.22 13.96
N ALA B 52 1.40 -9.05 13.77
CA ALA B 52 1.34 -10.43 14.24
C ALA B 52 1.26 -10.45 15.76
N THR B 53 0.45 -11.35 16.30
CA THR B 53 0.21 -11.37 17.73
C THR B 53 -0.10 -12.80 18.17
N LEU B 54 0.01 -13.04 19.47
CA LEU B 54 -0.17 -14.35 20.07
C LEU B 54 -1.36 -14.32 21.02
N SER B 55 -2.08 -15.43 21.11
CA SER B 55 -3.27 -15.51 21.94
C SER B 55 -3.25 -16.78 22.76
N TYR B 56 -3.96 -16.76 23.89
CA TYR B 56 -4.02 -17.89 24.80
C TYR B 56 -5.47 -18.16 25.17
N TYR B 57 -5.84 -19.44 25.18
CA TYR B 57 -7.20 -19.87 25.45
C TYR B 57 -7.21 -20.93 26.53
N ASP B 58 -8.17 -20.82 27.46
CA ASP B 58 -8.28 -21.79 28.55
C ASP B 58 -9.54 -22.61 28.37
N PRO B 59 -9.45 -23.88 27.98
CA PRO B 59 -10.67 -24.66 27.71
C PRO B 59 -11.52 -24.92 28.94
N GLU B 60 -10.97 -24.80 30.15
CA GLU B 60 -11.75 -25.07 31.35
C GLU B 60 -12.66 -23.91 31.69
N THR B 61 -12.12 -22.70 31.77
CA THR B 61 -12.91 -21.53 32.12
C THR B 61 -13.43 -20.78 30.90
N LYS B 62 -13.12 -21.24 29.69
CA LYS B 62 -13.58 -20.61 28.45
C LYS B 62 -13.20 -19.13 28.40
N LYS B 63 -12.00 -18.81 28.86
CA LYS B 63 -11.51 -17.45 28.89
C LYS B 63 -10.31 -17.33 27.97
N VAL B 64 -10.33 -16.30 27.12
CA VAL B 64 -9.30 -16.11 26.10
C VAL B 64 -8.60 -14.78 26.36
N GLU B 65 -7.28 -14.77 26.24
CA GLU B 65 -6.46 -13.58 26.37
C GLU B 65 -5.80 -13.30 25.02
N ASN B 66 -5.99 -12.10 24.50
CA ASN B 66 -5.39 -11.71 23.24
C ASN B 66 -4.17 -10.83 23.48
N GLU B 67 -3.23 -10.90 22.54
CA GLU B 67 -2.01 -10.09 22.58
C GLU B 67 -1.25 -10.32 23.88
N ILE B 68 -1.05 -11.60 24.22
CA ILE B 68 -0.37 -11.95 25.46
C ILE B 68 1.10 -11.56 25.39
N PHE B 69 1.73 -11.66 24.22
CA PHE B 69 3.15 -11.37 24.12
C PHE B 69 3.41 -9.88 24.31
N TYR B 70 2.67 -9.02 23.60
CA TYR B 70 2.87 -7.58 23.74
C TYR B 70 2.46 -7.11 25.13
N ARG B 71 1.37 -7.65 25.67
CA ARG B 71 0.88 -7.21 26.96
C ARG B 71 1.87 -7.53 28.08
N ALA B 72 2.54 -8.68 27.99
CA ALA B 72 3.48 -9.09 29.01
C ALA B 72 4.91 -8.67 28.73
N ASN B 73 5.17 -8.00 27.62
CA ASN B 73 6.53 -7.62 27.25
C ASN B 73 6.68 -6.19 26.76
N ALA B 74 5.58 -5.49 26.48
CA ALA B 74 5.60 -4.11 26.01
C ALA B 74 6.42 -3.97 24.72
N MET B 75 6.31 -4.97 23.84
CA MET B 75 6.92 -4.89 22.52
C MET B 75 6.17 -5.81 21.57
N LYS B 76 6.13 -5.43 20.30
CA LYS B 76 5.36 -6.17 19.31
C LYS B 76 6.03 -7.50 19.00
N LEU B 77 5.20 -8.48 18.60
CA LEU B 77 5.71 -9.81 18.30
C LEU B 77 6.56 -9.82 17.04
N GLY B 78 6.09 -9.17 15.98
CA GLY B 78 6.82 -9.16 14.73
C GLY B 78 5.92 -9.12 13.51
N ASP B 79 6.20 -9.97 12.53
CA ASP B 79 5.49 -9.97 11.26
C ASP B 79 5.36 -11.39 10.75
N VAL B 80 4.12 -11.84 10.55
CA VAL B 80 3.81 -13.17 10.04
C VAL B 80 4.37 -14.25 10.96
N ALA B 81 3.75 -14.43 12.13
CA ALA B 81 4.07 -15.55 12.98
C ALA B 81 3.60 -16.84 12.32
N GLN B 82 4.44 -17.87 12.36
CA GLN B 82 4.18 -19.08 11.59
C GLN B 82 3.81 -20.28 12.45
N SER B 83 4.66 -20.65 13.40
CA SER B 83 4.38 -21.83 14.22
C SER B 83 4.99 -21.63 15.60
N MET B 84 4.88 -22.65 16.43
CA MET B 84 5.40 -22.59 17.78
C MET B 84 5.58 -24.01 18.31
N ILE B 85 6.67 -24.22 19.05
CA ILE B 85 6.98 -25.50 19.65
C ILE B 85 7.13 -25.31 21.15
N VAL B 86 6.46 -26.16 21.92
CA VAL B 86 6.53 -26.11 23.38
C VAL B 86 7.40 -27.25 23.86
N ARG B 87 8.52 -26.92 24.50
CA ARG B 87 9.39 -27.89 25.13
C ARG B 87 9.47 -27.55 26.62
N ASP B 88 9.02 -28.47 27.46
CA ASP B 88 8.95 -28.26 28.91
C ASP B 88 8.11 -27.03 29.17
N THR B 89 8.62 -26.00 29.84
CA THR B 89 7.87 -24.78 30.09
C THR B 89 8.29 -23.63 29.17
N ILE B 90 9.07 -23.93 28.13
CA ILE B 90 9.58 -22.92 27.21
C ILE B 90 8.97 -23.16 25.84
N GLY B 91 8.36 -22.12 25.27
CA GLY B 91 7.78 -22.18 23.94
C GLY B 91 8.60 -21.34 22.98
N TRP B 92 8.84 -21.88 21.79
CA TRP B 92 9.64 -21.22 20.76
C TRP B 92 8.70 -20.75 19.65
N VAL B 93 8.46 -19.44 19.60
CA VAL B 93 7.61 -18.86 18.58
C VAL B 93 8.48 -18.40 17.43
N VAL B 94 8.25 -18.96 16.24
CA VAL B 94 9.02 -18.61 15.06
C VAL B 94 8.25 -17.55 14.28
N VAL B 95 8.94 -16.45 13.95
CA VAL B 95 8.34 -15.34 13.22
C VAL B 95 9.02 -15.28 11.86
N ASN B 96 8.21 -15.36 10.80
CA ASN B 96 8.74 -15.53 9.46
C ASN B 96 9.39 -14.25 8.95
N ASN B 97 8.60 -13.17 8.85
CA ASN B 97 9.06 -11.95 8.21
C ASN B 97 9.89 -11.06 9.13
N SER B 98 10.34 -11.56 10.27
CA SER B 98 11.18 -10.79 11.18
C SER B 98 12.52 -11.44 11.46
N HIS B 99 12.82 -12.58 10.84
CA HIS B 99 14.12 -13.23 10.97
C HIS B 99 14.45 -13.54 12.43
N VAL B 100 13.46 -13.99 13.18
CA VAL B 100 13.63 -14.19 14.61
C VAL B 100 12.77 -15.37 15.07
N ILE B 101 13.27 -16.08 16.08
CA ILE B 101 12.51 -17.10 16.79
C ILE B 101 12.58 -16.74 18.27
N PHE B 102 11.43 -16.43 18.87
CA PHE B 102 11.37 -15.99 20.25
C PHE B 102 11.22 -17.19 21.17
N ALA B 103 11.92 -17.15 22.29
CA ALA B 103 11.78 -18.15 23.34
C ALA B 103 11.11 -17.50 24.54
N ILE B 104 9.92 -17.99 24.89
CA ILE B 104 9.13 -17.43 25.98
C ILE B 104 8.76 -18.53 26.95
N SER B 105 8.43 -18.14 28.17
CA SER B 105 7.94 -19.06 29.17
C SER B 105 6.45 -19.27 28.99
N THR B 106 5.99 -20.51 29.13
CA THR B 106 4.58 -20.82 28.94
C THR B 106 3.74 -20.56 30.18
N ASN B 107 4.34 -20.09 31.27
CA ASN B 107 3.60 -19.77 32.48
C ASN B 107 3.46 -18.27 32.72
N THR B 108 4.37 -17.45 32.18
CA THR B 108 4.30 -16.01 32.37
C THR B 108 4.37 -15.22 31.07
N PHE B 109 4.64 -15.86 29.94
CA PHE B 109 4.78 -15.19 28.64
C PHE B 109 5.88 -14.14 28.66
N LYS B 110 6.89 -14.33 29.50
CA LYS B 110 8.06 -13.48 29.51
C LYS B 110 9.12 -14.04 28.57
N GLU B 111 9.87 -13.14 27.93
CA GLU B 111 10.87 -13.55 26.97
C GLU B 111 12.07 -14.14 27.68
N VAL B 112 12.48 -15.34 27.28
CA VAL B 112 13.66 -15.99 27.82
C VAL B 112 14.86 -15.87 26.89
N GLY B 113 14.64 -15.47 25.64
CA GLY B 113 15.73 -15.33 24.70
C GLY B 113 15.17 -15.12 23.30
N ARG B 114 16.09 -15.15 22.34
CA ARG B 114 15.70 -15.02 20.94
C ARG B 114 16.80 -15.58 20.06
N ILE B 115 16.41 -16.10 18.90
CA ILE B 115 17.33 -16.55 17.88
C ILE B 115 17.17 -15.60 16.70
N THR B 116 18.19 -14.82 16.42
CA THR B 116 18.12 -13.82 15.36
C THR B 116 19.25 -14.03 14.37
N GLY B 117 19.03 -13.54 13.15
CA GLY B 117 20.00 -13.71 12.09
C GLY B 117 19.65 -14.82 11.13
N LEU B 118 18.36 -15.03 10.90
CA LEU B 118 17.87 -16.04 9.98
C LEU B 118 17.33 -15.37 8.72
N THR B 119 16.96 -16.20 7.75
CA THR B 119 16.41 -15.70 6.48
C THR B 119 15.02 -16.29 6.27
N SER B 120 14.03 -15.63 6.85
CA SER B 120 12.62 -16.01 6.79
C SER B 120 12.44 -17.46 7.21
N PRO B 121 12.58 -17.77 8.50
CA PRO B 121 12.42 -19.15 8.94
C PRO B 121 10.96 -19.59 8.91
N ARG B 122 10.76 -20.89 8.67
CA ARG B 122 9.42 -21.46 8.66
C ARG B 122 9.11 -22.25 9.92
N TYR B 123 9.90 -23.27 10.22
CA TYR B 123 9.63 -24.16 11.34
C TYR B 123 10.93 -24.49 12.04
N ILE B 124 10.81 -24.97 13.28
CA ILE B 124 11.95 -25.42 14.06
C ILE B 124 11.67 -26.83 14.56
N HIS B 125 12.73 -27.63 14.68
CA HIS B 125 12.60 -29.02 15.11
C HIS B 125 13.82 -29.39 15.94
N PHE B 126 13.58 -29.77 17.19
CA PHE B 126 14.65 -30.10 18.12
C PHE B 126 14.95 -31.59 18.05
N ILE B 127 16.14 -31.94 17.55
CA ILE B 127 16.54 -33.34 17.54
C ILE B 127 17.36 -33.72 18.76
N SER B 128 17.86 -32.75 19.51
CA SER B 128 18.55 -33.01 20.76
C SER B 128 18.52 -31.74 21.60
N ASP B 129 18.90 -31.87 22.87
CA ASP B 129 18.90 -30.74 23.76
C ASP B 129 19.94 -29.69 23.36
N GLU B 130 20.93 -30.05 22.54
CA GLU B 130 21.99 -29.14 22.14
C GLU B 130 21.97 -28.81 20.65
N LYS B 131 20.98 -29.28 19.90
CA LYS B 131 20.95 -29.08 18.46
C LYS B 131 19.51 -28.89 18.01
N ALA B 132 19.31 -28.13 16.93
CA ALA B 132 17.98 -27.91 16.37
C ALA B 132 18.09 -27.48 14.93
N TYR B 133 17.20 -28.00 14.08
CA TYR B 133 17.15 -27.61 12.69
C TYR B 133 16.07 -26.56 12.47
N ILE B 134 16.37 -25.58 11.61
CA ILE B 134 15.42 -24.54 11.24
C ILE B 134 15.37 -24.48 9.71
N THR B 135 14.16 -24.42 9.17
CA THR B 135 13.98 -24.41 7.73
C THR B 135 13.42 -23.08 7.25
N GLN B 136 13.90 -22.65 6.09
CA GLN B 136 13.61 -21.32 5.55
C GLN B 136 12.91 -21.41 4.21
N ILE B 137 12.28 -20.31 3.84
CA ILE B 137 11.81 -20.09 2.49
C ILE B 137 12.75 -19.08 1.84
N TRP B 138 12.82 -19.12 0.51
CA TRP B 138 13.78 -18.31 -0.25
C TRP B 138 15.21 -18.62 0.16
N ASP B 139 15.51 -19.89 0.39
CA ASP B 139 16.86 -20.30 0.73
C ASP B 139 17.01 -21.78 0.44
N TYR B 140 18.24 -22.18 0.11
CA TYR B 140 18.55 -23.57 -0.18
C TYR B 140 19.24 -24.26 1.00
N ARG B 141 19.23 -23.62 2.17
CA ARG B 141 19.95 -24.13 3.34
C ARG B 141 18.97 -24.40 4.47
N ILE B 142 19.33 -25.36 5.31
CA ILE B 142 18.63 -25.64 6.56
C ILE B 142 19.56 -25.28 7.70
N PHE B 143 19.16 -24.31 8.51
CA PHE B 143 20.01 -23.81 9.58
C PHE B 143 20.12 -24.85 10.70
N ILE B 144 21.26 -24.85 11.36
CA ILE B 144 21.48 -25.62 12.58
C ILE B 144 21.84 -24.64 13.68
N VAL B 145 21.11 -24.71 14.80
CA VAL B 145 21.32 -23.78 15.90
C VAL B 145 21.49 -24.56 17.20
N ASN B 146 22.13 -23.91 18.16
CA ASN B 146 22.24 -24.43 19.51
C ASN B 146 21.19 -23.76 20.38
N PRO B 147 20.26 -24.49 20.96
CA PRO B 147 19.19 -23.85 21.74
C PRO B 147 19.63 -23.28 23.08
N LYS B 148 20.94 -23.32 23.36
CA LYS B 148 21.47 -22.71 24.57
C LYS B 148 22.41 -21.54 24.29
N THR B 149 23.43 -21.75 23.45
CA THR B 149 24.30 -20.64 23.10
C THR B 149 23.64 -19.68 22.13
N TYR B 150 22.49 -20.06 21.55
CA TYR B 150 21.67 -19.18 20.72
C TYR B 150 22.39 -18.76 19.44
N GLN B 151 23.25 -19.63 18.91
CA GLN B 151 24.06 -19.30 17.77
C GLN B 151 23.89 -20.34 16.67
N ILE B 152 24.10 -19.92 15.43
CA ILE B 152 24.05 -20.82 14.28
C ILE B 152 25.38 -21.57 14.19
N THR B 153 25.29 -22.89 14.05
CA THR B 153 26.47 -23.75 14.04
C THR B 153 26.61 -24.56 12.76
N GLY B 154 25.99 -24.13 11.68
CA GLY B 154 26.15 -24.83 10.41
C GLY B 154 24.89 -24.75 9.58
N TYR B 155 24.99 -25.28 8.37
CA TYR B 155 23.88 -25.31 7.42
C TYR B 155 23.83 -26.66 6.72
N ILE B 156 22.64 -27.01 6.23
CA ILE B 156 22.43 -28.23 5.46
C ILE B 156 21.97 -27.84 4.07
N GLU B 157 22.66 -28.34 3.05
CA GLU B 157 22.41 -27.96 1.68
C GLU B 157 21.51 -29.00 1.02
N CYS B 158 20.34 -28.57 0.57
CA CYS B 158 19.41 -29.45 -0.14
C CYS B 158 19.82 -29.55 -1.60
N PRO B 159 20.05 -30.75 -2.13
CA PRO B 159 20.46 -30.86 -3.53
C PRO B 159 19.39 -30.39 -4.49
N ASP B 160 19.85 -29.87 -5.64
CA ASP B 160 18.98 -29.39 -6.71
C ASP B 160 18.00 -28.33 -6.21
N MET B 161 18.48 -27.48 -5.30
CA MET B 161 17.66 -26.42 -4.72
C MET B 161 18.31 -25.09 -5.05
N THR B 162 17.50 -24.14 -5.51
CA THR B 162 17.99 -22.84 -5.93
C THR B 162 17.48 -21.76 -4.99
N MET B 163 18.28 -20.70 -4.84
CA MET B 163 17.90 -19.60 -3.96
C MET B 163 16.63 -18.92 -4.43
N GLU B 164 16.37 -18.92 -5.74
CA GLU B 164 15.18 -18.25 -6.28
C GLU B 164 13.90 -18.88 -5.74
N THR B 165 13.85 -20.21 -5.67
CA THR B 165 12.63 -20.91 -5.27
C THR B 165 12.93 -21.96 -4.20
N GLY B 166 13.78 -21.62 -3.23
CA GLY B 166 14.05 -22.55 -2.15
C GLY B 166 12.92 -22.60 -1.15
N SER B 167 12.63 -23.79 -0.64
CA SER B 167 11.54 -23.97 0.30
C SER B 167 11.60 -25.33 1.01
N THR B 168 11.57 -25.30 2.34
CA THR B 168 11.42 -26.48 3.18
C THR B 168 10.56 -26.09 4.38
N GLU B 169 9.55 -26.91 4.72
CA GLU B 169 8.56 -26.46 5.68
C GLU B 169 8.53 -27.25 6.99
N GLN B 170 8.27 -28.55 6.96
CA GLN B 170 7.97 -29.27 8.19
C GLN B 170 8.88 -30.48 8.37
N MET B 171 9.22 -30.75 9.62
CA MET B 171 10.13 -31.83 9.98
C MET B 171 9.39 -32.87 10.80
N VAL B 172 9.58 -34.14 10.45
CA VAL B 172 9.23 -35.27 11.29
C VAL B 172 10.42 -36.20 11.33
N GLN B 173 10.80 -36.65 12.52
CA GLN B 173 11.96 -37.51 12.64
C GLN B 173 11.53 -38.96 12.86
N TYR B 174 12.36 -39.88 12.39
CA TYR B 174 12.08 -41.31 12.47
C TYR B 174 13.39 -42.03 12.75
N GLY B 175 13.64 -42.30 14.03
CA GLY B 175 14.89 -42.94 14.42
C GLY B 175 16.06 -41.99 14.34
N LYS B 176 16.98 -42.23 13.40
CA LYS B 176 18.13 -41.37 13.19
C LYS B 176 17.93 -40.37 12.06
N TYR B 177 16.81 -40.43 11.34
CA TYR B 177 16.58 -39.57 10.19
C TYR B 177 15.61 -38.45 10.53
N VAL B 178 15.61 -37.44 9.65
CA VAL B 178 14.66 -36.34 9.72
C VAL B 178 14.05 -36.17 8.33
N TYR B 179 12.73 -36.06 8.28
CA TYR B 179 12.00 -35.96 7.02
C TYR B 179 11.44 -34.55 6.89
N VAL B 180 11.64 -33.95 5.73
CA VAL B 180 11.13 -32.61 5.45
C VAL B 180 10.37 -32.65 4.13
N ASN B 181 9.53 -31.65 3.92
CA ASN B 181 8.90 -31.45 2.63
C ASN B 181 9.32 -30.11 2.05
N CYS B 182 9.26 -29.99 0.74
CA CYS B 182 9.65 -28.78 0.03
C CYS B 182 8.40 -28.23 -0.64
N TRP B 183 7.79 -27.21 -0.03
CA TRP B 183 6.47 -26.78 -0.49
C TRP B 183 6.56 -25.80 -1.66
N SER B 184 7.12 -24.62 -1.44
CA SER B 184 6.95 -23.53 -2.40
C SER B 184 7.79 -23.80 -3.64
N TYR B 185 7.11 -23.93 -4.79
CA TYR B 185 7.75 -24.19 -6.07
C TYR B 185 8.64 -25.43 -6.00
N GLN B 186 8.16 -26.47 -5.34
CA GLN B 186 8.91 -27.70 -5.22
C GLN B 186 7.94 -28.87 -5.15
N ASN B 187 8.45 -30.06 -5.48
CA ASN B 187 7.64 -31.27 -5.48
C ASN B 187 8.41 -32.46 -4.91
N ARG B 188 9.13 -32.25 -3.81
CA ARG B 188 10.07 -33.24 -3.31
C ARG B 188 10.10 -33.21 -1.79
N ILE B 189 10.28 -34.38 -1.19
CA ILE B 189 10.51 -34.49 0.26
C ILE B 189 11.87 -35.15 0.47
N LEU B 190 12.60 -34.67 1.46
CA LEU B 190 13.99 -35.05 1.67
C LEU B 190 14.16 -35.82 2.97
N LYS B 191 15.11 -36.74 2.98
CA LYS B 191 15.49 -37.48 4.17
C LYS B 191 16.90 -37.08 4.57
N ILE B 192 17.06 -36.67 5.83
CA ILE B 192 18.33 -36.19 6.35
C ILE B 192 18.80 -37.12 7.44
N ASP B 193 20.10 -37.43 7.44
CA ASP B 193 20.71 -38.23 8.49
C ASP B 193 21.30 -37.28 9.53
N THR B 194 20.82 -37.38 10.76
CA THR B 194 21.23 -36.44 11.79
C THR B 194 22.65 -36.69 12.28
N THR B 195 23.18 -37.90 12.12
CA THR B 195 24.54 -38.18 12.57
C THR B 195 25.56 -37.44 11.72
N THR B 196 25.43 -37.53 10.39
CA THR B 196 26.35 -36.88 9.48
C THR B 196 25.86 -35.54 8.98
N ASP B 197 24.62 -35.17 9.28
CA ASP B 197 24.03 -33.89 8.85
C ASP B 197 24.14 -33.71 7.34
N LYS B 198 23.62 -34.71 6.61
CA LYS B 198 23.63 -34.69 5.16
C LYS B 198 22.31 -35.24 4.64
N VAL B 199 21.94 -34.81 3.44
CA VAL B 199 20.77 -35.38 2.76
C VAL B 199 21.18 -36.70 2.14
N VAL B 200 20.45 -37.76 2.45
CA VAL B 200 20.82 -39.10 2.05
C VAL B 200 19.97 -39.64 0.91
N ASP B 201 18.69 -39.26 0.81
CA ASP B 201 17.83 -39.79 -0.24
C ASP B 201 16.71 -38.80 -0.50
N GLN B 202 16.04 -38.98 -1.64
CA GLN B 202 15.00 -38.08 -2.10
C GLN B 202 13.76 -38.87 -2.50
N LEU B 203 12.62 -38.19 -2.50
CA LEU B 203 11.37 -38.76 -2.99
C LEU B 203 10.61 -37.68 -3.74
N THR B 204 9.85 -38.10 -4.75
CA THR B 204 9.12 -37.17 -5.60
C THR B 204 7.62 -37.36 -5.40
N VAL B 205 6.91 -36.25 -5.16
CA VAL B 205 5.45 -36.24 -5.06
C VAL B 205 4.91 -35.17 -5.99
N GLY B 206 3.60 -34.94 -5.93
CA GLY B 206 2.97 -33.91 -6.73
C GLY B 206 3.43 -32.51 -6.40
N ILE B 207 2.83 -31.51 -7.04
CA ILE B 207 3.30 -30.14 -6.91
C ILE B 207 2.97 -29.63 -5.52
N GLN B 208 3.99 -29.04 -4.86
CA GLN B 208 3.86 -28.31 -3.60
C GLN B 208 3.25 -29.13 -2.48
N PRO B 209 3.96 -30.10 -1.93
CA PRO B 209 3.48 -30.77 -0.71
C PRO B 209 3.49 -29.79 0.45
N THR B 210 2.33 -29.57 1.06
CA THR B 210 2.20 -28.52 2.06
C THR B 210 2.72 -28.97 3.42
N SER B 211 2.13 -30.01 4.00
CA SER B 211 2.41 -30.41 5.36
C SER B 211 2.79 -31.88 5.43
N LEU B 212 3.58 -32.23 6.45
CA LEU B 212 4.05 -33.60 6.66
C LEU B 212 3.80 -34.00 8.10
N VAL B 213 3.21 -35.19 8.29
CA VAL B 213 2.92 -35.72 9.61
C VAL B 213 3.21 -37.21 9.63
N MET B 214 3.41 -37.74 10.83
CA MET B 214 3.67 -39.16 11.05
C MET B 214 2.61 -39.73 11.98
N ASP B 215 2.17 -40.96 11.70
CA ASP B 215 1.11 -41.59 12.46
C ASP B 215 1.67 -42.62 13.44
N LYS B 216 0.78 -43.39 14.08
CA LYS B 216 1.20 -44.32 15.10
C LYS B 216 1.84 -45.58 14.52
N ASN B 217 1.47 -45.98 13.31
CA ASN B 217 2.06 -47.14 12.67
C ASN B 217 3.13 -46.76 11.65
N PHE B 218 3.76 -45.60 11.83
CA PHE B 218 4.94 -45.18 11.08
C PHE B 218 4.67 -45.13 9.57
N LYS B 219 3.76 -44.23 9.20
CA LYS B 219 3.54 -43.90 7.80
C LYS B 219 3.32 -42.40 7.67
N MET B 220 4.21 -41.74 6.94
CA MET B 220 4.12 -40.30 6.75
C MET B 220 2.95 -39.97 5.83
N TRP B 221 2.21 -38.94 6.20
CA TRP B 221 1.11 -38.42 5.39
C TRP B 221 1.49 -37.02 4.91
N THR B 222 1.45 -36.81 3.61
CA THR B 222 1.62 -35.49 3.03
C THR B 222 0.49 -35.23 2.04
N ILE B 223 0.21 -33.95 1.84
CA ILE B 223 -0.87 -33.52 0.96
C ILE B 223 -0.32 -32.42 0.06
N THR B 224 -0.67 -32.48 -1.22
CA THR B 224 -0.06 -31.62 -2.23
C THR B 224 -1.06 -30.56 -2.67
N ASP B 225 -0.59 -29.33 -2.76
CA ASP B 225 -1.44 -28.24 -3.21
C ASP B 225 -1.68 -28.33 -4.71
N GLY B 226 -2.67 -27.57 -5.18
CA GLY B 226 -3.02 -27.58 -6.59
C GLY B 226 -2.05 -26.78 -7.44
N GLY B 227 -1.96 -25.48 -7.19
CA GLY B 227 -1.10 -24.63 -7.97
C GLY B 227 -1.61 -23.22 -8.18
N TYR B 228 -2.91 -22.99 -8.01
CA TYR B 228 -3.49 -21.65 -8.11
C TYR B 228 -3.20 -21.03 -9.49
N LYS B 229 -3.97 -21.52 -10.47
CA LYS B 229 -3.68 -21.47 -11.90
C LYS B 229 -2.84 -20.28 -12.33
N GLY B 230 -1.75 -20.54 -13.03
CA GLY B 230 -0.84 -19.50 -13.47
C GLY B 230 0.60 -19.76 -13.05
N SER B 231 0.77 -20.55 -11.99
CA SER B 231 2.08 -20.83 -11.40
C SER B 231 2.99 -21.51 -12.43
N PRO B 232 4.31 -21.28 -12.36
CA PRO B 232 5.20 -21.81 -13.40
C PRO B 232 5.17 -23.32 -13.54
N TYR B 233 5.02 -24.06 -12.44
CA TYR B 233 4.86 -25.51 -12.54
C TYR B 233 3.50 -25.86 -13.13
N GLY B 234 2.60 -24.88 -13.21
CA GLY B 234 1.25 -25.14 -13.66
C GLY B 234 0.42 -25.78 -12.57
N TYR B 235 -0.81 -26.11 -12.93
CA TYR B 235 -1.72 -26.73 -11.99
C TYR B 235 -1.70 -28.25 -12.13
N GLU B 236 -2.06 -28.91 -11.03
CA GLU B 236 -2.11 -30.37 -10.97
C GLU B 236 -3.12 -30.72 -9.90
N GLU B 237 -3.73 -31.88 -10.05
CA GLU B 237 -4.80 -32.29 -9.15
C GLU B 237 -4.27 -32.46 -7.74
N PRO B 238 -4.83 -31.77 -6.73
CA PRO B 238 -4.38 -31.96 -5.36
C PRO B 238 -4.54 -33.42 -4.94
N SER B 239 -3.55 -33.90 -4.19
CA SER B 239 -3.46 -35.32 -3.89
C SER B 239 -3.10 -35.52 -2.42
N LEU B 240 -3.20 -36.76 -1.98
CA LEU B 240 -2.82 -37.16 -0.64
C LEU B 240 -2.00 -38.44 -0.73
N TYR B 241 -0.97 -38.55 0.10
CA TYR B 241 0.00 -39.63 0.02
C TYR B 241 0.17 -40.28 1.38
N ARG B 242 0.68 -41.52 1.36
CA ARG B 242 0.87 -42.31 2.58
C ARG B 242 2.26 -42.96 2.55
N ILE B 243 3.29 -42.14 2.34
CA ILE B 243 4.66 -42.64 2.26
C ILE B 243 5.00 -43.47 3.49
N ASP B 244 5.58 -44.64 3.25
CA ASP B 244 6.03 -45.53 4.32
C ASP B 244 7.30 -44.98 4.97
N ALA B 245 7.55 -45.44 6.20
CA ALA B 245 8.67 -44.90 6.99
C ALA B 245 10.00 -45.54 6.61
N GLU B 246 10.13 -46.86 6.80
CA GLU B 246 11.40 -47.53 6.55
C GLU B 246 11.83 -47.39 5.10
N THR B 247 11.07 -47.97 4.19
CA THR B 247 11.28 -47.77 2.76
C THR B 247 10.31 -46.71 2.26
N PHE B 248 10.80 -45.83 1.39
CA PHE B 248 9.95 -44.77 0.88
C PHE B 248 8.74 -45.29 0.12
N LYS B 249 8.98 -45.87 -1.05
CA LYS B 249 7.91 -46.24 -1.98
C LYS B 249 6.96 -45.04 -2.12
N ILE B 250 5.70 -45.29 -2.47
CA ILE B 250 4.67 -44.26 -2.43
C ILE B 250 3.44 -44.87 -1.77
N GLU B 251 3.45 -46.19 -1.67
CA GLU B 251 2.33 -46.99 -1.17
C GLU B 251 1.03 -46.61 -1.86
N LYS B 252 0.31 -45.60 -1.36
CA LYS B 252 -0.98 -45.25 -1.92
C LYS B 252 -1.10 -43.75 -2.13
N GLN B 253 -1.90 -43.37 -3.13
CA GLN B 253 -2.17 -41.99 -3.47
C GLN B 253 -3.68 -41.79 -3.60
N PHE B 254 -4.15 -40.61 -3.19
CA PHE B 254 -5.56 -40.26 -3.25
C PHE B 254 -5.73 -39.02 -4.13
N LYS B 255 -6.87 -38.93 -4.79
CA LYS B 255 -7.17 -37.84 -5.71
C LYS B 255 -8.28 -36.96 -5.13
N PHE B 256 -8.10 -35.65 -5.25
CA PHE B 256 -9.04 -34.70 -4.65
C PHE B 256 -9.74 -33.80 -5.66
N GLN B 257 -9.46 -33.94 -6.96
CA GLN B 257 -10.16 -33.21 -8.01
C GLN B 257 -9.84 -31.72 -7.96
N LEU B 258 -9.86 -31.05 -9.12
CA LEU B 258 -9.34 -29.69 -9.22
C LEU B 258 -10.29 -28.69 -8.56
N GLY B 259 -9.79 -27.45 -8.43
CA GLY B 259 -10.56 -26.41 -7.80
C GLY B 259 -10.54 -26.41 -6.29
N ASP B 260 -9.65 -27.19 -5.68
CA ASP B 260 -9.57 -27.29 -4.23
C ASP B 260 -8.15 -27.02 -3.77
N ALA B 261 -8.04 -26.56 -2.52
CA ALA B 261 -6.74 -26.25 -1.91
C ALA B 261 -6.67 -26.89 -0.53
N PRO B 262 -6.55 -28.22 -0.46
CA PRO B 262 -6.45 -28.87 0.84
C PRO B 262 -5.06 -28.70 1.45
N SER B 263 -5.01 -28.73 2.78
CA SER B 263 -3.76 -28.54 3.51
C SER B 263 -3.98 -28.91 4.97
N GLU B 264 -2.89 -28.88 5.74
CA GLU B 264 -2.96 -29.01 7.19
C GLU B 264 -3.60 -30.33 7.60
N VAL B 265 -2.86 -31.41 7.37
CA VAL B 265 -3.37 -32.76 7.59
C VAL B 265 -2.94 -33.31 8.94
N GLN B 266 -2.71 -32.43 9.92
CA GLN B 266 -2.22 -32.86 11.22
C GLN B 266 -3.13 -33.91 11.85
N LEU B 267 -2.56 -34.71 12.73
CA LEU B 267 -3.25 -35.84 13.34
C LEU B 267 -3.89 -35.41 14.67
N ASN B 268 -4.35 -36.39 15.44
CA ASN B 268 -4.89 -36.14 16.77
C ASN B 268 -3.86 -36.52 17.82
N GLY B 269 -4.28 -36.49 19.09
CA GLY B 269 -3.35 -36.84 20.16
C GLY B 269 -2.86 -38.27 20.08
N ALA B 270 -3.76 -39.21 19.82
CA ALA B 270 -3.38 -40.61 19.72
C ALA B 270 -2.60 -40.93 18.45
N GLY B 271 -2.58 -40.03 17.48
CA GLY B 271 -1.86 -40.26 16.25
C GLY B 271 -2.42 -41.38 15.40
N ASP B 272 -3.75 -41.47 15.31
CA ASP B 272 -4.39 -42.51 14.52
C ASP B 272 -5.62 -41.99 13.79
N GLU B 273 -5.64 -40.72 13.40
CA GLU B 273 -6.85 -40.15 12.80
C GLU B 273 -6.48 -38.85 12.10
N LEU B 274 -6.85 -38.72 10.82
CA LEU B 274 -6.46 -37.61 9.98
C LEU B 274 -7.49 -36.48 10.03
N TYR B 275 -7.03 -35.27 9.71
CA TYR B 275 -7.89 -34.09 9.74
C TYR B 275 -7.32 -33.09 8.74
N TRP B 276 -8.10 -32.75 7.71
CA TRP B 276 -7.67 -31.75 6.74
C TRP B 276 -8.87 -30.89 6.34
N ILE B 277 -8.60 -29.69 5.85
CA ILE B 277 -9.68 -28.73 5.63
C ILE B 277 -10.45 -29.08 4.36
N ASN B 278 -9.81 -28.94 3.20
CA ASN B 278 -10.39 -29.25 1.90
C ASN B 278 -11.87 -28.88 1.82
N LYS B 279 -12.14 -27.58 2.01
CA LYS B 279 -13.52 -27.09 2.10
C LYS B 279 -14.21 -27.73 3.29
N ASP B 280 -14.94 -28.83 3.08
CA ASP B 280 -15.59 -29.52 4.18
C ASP B 280 -14.55 -30.21 5.05
N ILE B 281 -14.56 -29.90 6.35
CA ILE B 281 -13.58 -30.46 7.26
C ILE B 281 -13.72 -31.98 7.28
N TRP B 282 -12.71 -32.68 6.81
CA TRP B 282 -12.76 -34.14 6.75
C TRP B 282 -12.10 -34.78 7.97
N ARG B 283 -12.42 -36.05 8.16
CA ARG B 283 -11.88 -36.84 9.26
C ARG B 283 -11.68 -38.25 8.75
N MET B 284 -10.41 -38.67 8.65
CA MET B 284 -10.05 -39.98 8.14
C MET B 284 -9.26 -40.72 9.21
N SER B 285 -9.35 -42.03 9.21
CA SER B 285 -8.57 -42.85 10.12
C SER B 285 -7.37 -43.44 9.40
N VAL B 286 -6.35 -43.78 10.18
CA VAL B 286 -5.18 -44.49 9.68
C VAL B 286 -5.60 -45.89 9.30
N ASP B 287 -4.69 -46.64 8.65
CA ASP B 287 -4.87 -48.01 8.18
C ASP B 287 -6.29 -48.27 7.68
N GLU B 288 -6.80 -47.35 6.88
CA GLU B 288 -8.13 -47.46 6.29
C GLU B 288 -7.99 -47.28 4.78
N GLU B 289 -9.12 -47.11 4.09
CA GLU B 289 -9.10 -47.02 2.64
C GLU B 289 -9.75 -45.73 2.17
N ARG B 290 -10.07 -45.66 0.87
CA ARG B 290 -10.43 -44.43 0.18
C ARG B 290 -11.32 -43.52 1.02
N VAL B 291 -11.09 -42.22 0.89
CA VAL B 291 -11.72 -41.15 1.65
C VAL B 291 -13.21 -41.40 1.85
N PRO B 292 -13.73 -41.24 3.08
CA PRO B 292 -15.17 -41.39 3.29
C PRO B 292 -15.99 -40.34 2.56
N VAL B 293 -17.30 -40.46 2.61
CA VAL B 293 -18.19 -39.52 1.93
C VAL B 293 -18.83 -38.52 2.90
N ARG B 294 -18.99 -38.87 4.17
CA ARG B 294 -19.63 -37.98 5.14
C ARG B 294 -18.57 -37.12 5.82
N PRO B 295 -18.56 -35.81 5.62
CA PRO B 295 -17.55 -34.97 6.28
C PRO B 295 -17.83 -34.85 7.76
N PHE B 296 -16.78 -34.48 8.50
CA PHE B 296 -16.94 -34.19 9.92
C PHE B 296 -17.77 -32.94 10.13
N LEU B 297 -17.69 -31.99 9.20
CA LEU B 297 -18.50 -30.77 9.25
C LEU B 297 -18.74 -30.34 7.81
N LYS B 298 -19.96 -30.54 7.33
CA LYS B 298 -20.19 -30.47 5.89
C LYS B 298 -19.89 -29.11 5.30
N TYR B 299 -20.72 -28.10 5.59
CA TYR B 299 -20.43 -26.74 5.14
C TYR B 299 -21.45 -25.78 5.73
N ARG B 300 -20.98 -24.63 6.22
CA ARG B 300 -21.86 -23.64 6.83
C ARG B 300 -21.44 -22.24 6.38
N ASP B 301 -21.13 -22.12 5.09
CA ASP B 301 -20.63 -20.90 4.46
C ASP B 301 -19.62 -20.17 5.35
N THR B 302 -18.53 -20.88 5.63
CA THR B 302 -17.41 -20.35 6.40
C THR B 302 -16.11 -20.61 5.65
N LYS B 303 -15.10 -19.78 5.94
CA LYS B 303 -13.79 -19.89 5.30
C LYS B 303 -12.79 -20.43 6.32
N TYR B 304 -12.66 -21.75 6.36
CA TYR B 304 -11.80 -22.41 7.33
C TYR B 304 -10.35 -22.30 6.89
N TYR B 305 -9.51 -21.76 7.78
CA TYR B 305 -8.10 -21.53 7.49
C TYR B 305 -7.17 -22.52 8.18
N GLY B 306 -7.51 -22.95 9.39
CA GLY B 306 -6.69 -23.91 10.11
C GLY B 306 -7.50 -24.61 11.17
N LEU B 307 -6.96 -25.70 11.68
CA LEU B 307 -7.64 -26.46 12.72
C LEU B 307 -6.61 -27.19 13.57
N THR B 308 -7.08 -27.69 14.72
CA THR B 308 -6.27 -28.49 15.62
C THR B 308 -7.17 -29.43 16.40
N VAL B 309 -6.57 -30.48 16.95
CA VAL B 309 -7.29 -31.50 17.70
C VAL B 309 -6.67 -31.60 19.09
N SER B 310 -7.52 -31.56 20.11
CA SER B 310 -7.03 -31.58 21.48
C SER B 310 -6.56 -32.97 21.85
N PRO B 311 -5.33 -33.12 22.37
CA PRO B 311 -4.87 -34.45 22.80
C PRO B 311 -5.50 -34.93 24.09
N LYS B 312 -6.13 -34.05 24.87
CA LYS B 312 -6.69 -34.46 26.15
C LYS B 312 -8.06 -35.11 25.98
N ASN B 313 -9.03 -34.34 25.47
CA ASN B 313 -10.41 -34.81 25.35
C ASN B 313 -10.82 -35.14 23.93
N GLY B 314 -10.28 -34.45 22.94
CA GLY B 314 -10.59 -34.75 21.56
C GLY B 314 -11.38 -33.67 20.86
N ASP B 315 -11.56 -32.52 21.51
CA ASP B 315 -12.27 -31.42 20.90
C ASP B 315 -11.54 -30.92 19.68
N VAL B 316 -12.30 -30.49 18.68
CA VAL B 316 -11.75 -30.01 17.41
C VAL B 316 -11.97 -28.50 17.34
N TYR B 317 -10.87 -27.76 17.20
CA TYR B 317 -10.91 -26.32 17.05
C TYR B 317 -10.64 -25.97 15.59
N VAL B 318 -11.51 -25.15 15.00
CA VAL B 318 -11.35 -24.69 13.63
C VAL B 318 -11.27 -23.17 13.63
N ALA B 319 -10.40 -22.62 12.78
CA ALA B 319 -10.15 -21.20 12.74
C ALA B 319 -10.76 -20.57 11.52
N ASP B 320 -11.50 -19.48 11.73
CA ASP B 320 -12.16 -18.75 10.66
C ASP B 320 -11.51 -17.38 10.53
N ALA B 321 -10.92 -17.11 9.37
CA ALA B 321 -10.20 -15.86 9.13
C ALA B 321 -11.07 -14.76 8.55
N ILE B 322 -12.33 -15.07 8.23
CA ILE B 322 -13.30 -14.11 7.72
C ILE B 322 -12.78 -13.47 6.42
N ASP B 323 -12.18 -12.28 6.52
CA ASP B 323 -11.72 -11.56 5.34
C ASP B 323 -10.25 -11.17 5.44
N TYR B 324 -9.48 -11.84 6.31
CA TYR B 324 -8.03 -11.71 6.39
C TYR B 324 -7.57 -10.34 6.86
N GLN B 325 -8.50 -9.45 7.19
CA GLN B 325 -8.12 -8.13 7.69
C GLN B 325 -9.01 -7.72 8.85
N GLN B 326 -9.32 -8.67 9.73
CA GLN B 326 -10.02 -8.39 10.98
C GLN B 326 -9.80 -9.57 11.92
N GLN B 327 -10.34 -9.45 13.13
CA GLN B 327 -10.19 -10.50 14.13
C GLN B 327 -10.90 -11.77 13.68
N GLY B 328 -10.17 -12.88 13.69
CA GLY B 328 -10.78 -14.15 13.36
C GLY B 328 -11.49 -14.79 14.54
N MET B 329 -12.28 -15.81 14.25
CA MET B 329 -12.98 -16.56 15.28
C MET B 329 -12.64 -18.03 15.19
N ILE B 330 -12.48 -18.67 16.34
CA ILE B 330 -12.29 -20.12 16.43
C ILE B 330 -13.56 -20.73 16.99
N TYR B 331 -14.01 -21.80 16.33
CA TYR B 331 -15.14 -22.58 16.79
C TYR B 331 -14.63 -23.85 17.47
N ARG B 332 -15.24 -24.21 18.59
CA ARG B 332 -14.89 -25.40 19.34
C ARG B 332 -15.98 -26.44 19.18
N TYR B 333 -15.61 -27.61 18.68
CA TYR B 333 -16.55 -28.70 18.45
C TYR B 333 -16.06 -29.94 19.19
N THR B 334 -17.01 -30.72 19.70
CA THR B 334 -16.66 -31.98 20.32
C THR B 334 -16.30 -33.01 19.24
N GLU B 335 -15.93 -34.21 19.69
CA GLU B 335 -15.68 -35.30 18.74
C GLU B 335 -16.94 -35.63 17.95
N ASP B 336 -18.11 -35.44 18.57
CA ASP B 336 -19.37 -35.72 17.88
C ASP B 336 -19.64 -34.68 16.79
N GLY B 337 -19.44 -33.40 17.11
CA GLY B 337 -19.65 -32.36 16.14
C GLY B 337 -20.55 -31.24 16.59
N GLU B 338 -20.81 -31.15 17.89
CA GLU B 338 -21.66 -30.09 18.42
C GLU B 338 -20.81 -28.90 18.87
N LEU B 339 -21.30 -27.71 18.58
CA LEU B 339 -20.59 -26.49 18.94
C LEU B 339 -20.62 -26.28 20.45
N VAL B 340 -19.49 -25.88 21.01
CA VAL B 340 -19.39 -25.66 22.45
C VAL B 340 -18.99 -24.22 22.76
N ASP B 341 -18.22 -23.60 21.87
CA ASP B 341 -17.67 -22.29 22.16
C ASP B 341 -17.23 -21.62 20.87
N GLU B 342 -17.05 -20.31 20.95
CA GLU B 342 -16.55 -19.51 19.84
C GLU B 342 -16.03 -18.20 20.41
N PHE B 343 -14.84 -17.78 19.95
CA PHE B 343 -14.16 -16.65 20.57
C PHE B 343 -13.24 -15.98 19.56
N TYR B 344 -12.89 -14.74 19.85
CA TYR B 344 -12.14 -13.88 18.95
C TYR B 344 -10.66 -13.85 19.31
N VAL B 345 -9.83 -13.78 18.27
CA VAL B 345 -8.37 -13.72 18.41
C VAL B 345 -7.84 -12.66 17.45
N GLY B 346 -6.52 -12.61 17.30
CA GLY B 346 -5.90 -11.68 16.37
C GLY B 346 -6.21 -11.95 14.92
N ILE B 347 -5.45 -11.32 14.02
CA ILE B 347 -5.74 -11.36 12.60
C ILE B 347 -5.15 -12.64 11.98
N ILE B 348 -5.97 -13.35 11.21
CA ILE B 348 -5.58 -14.57 10.52
C ILE B 348 -4.96 -15.57 11.48
N PRO B 349 -5.76 -16.23 12.33
CA PRO B 349 -5.21 -17.28 13.19
C PRO B 349 -4.64 -18.42 12.34
N GLY B 350 -3.34 -18.65 12.48
CA GLY B 350 -2.65 -19.55 11.59
C GLY B 350 -2.35 -20.93 12.13
N ALA B 351 -1.88 -21.03 13.37
CA ALA B 351 -1.45 -22.30 13.92
C ALA B 351 -1.80 -22.37 15.39
N PHE B 352 -1.87 -23.60 15.90
CA PHE B 352 -2.20 -23.88 17.29
C PHE B 352 -1.09 -24.68 17.94
N CYS B 353 -0.90 -24.48 19.24
CA CYS B 353 0.02 -25.27 20.02
C CYS B 353 -0.54 -25.42 21.43
N TRP B 354 -0.29 -26.58 22.02
CA TRP B 354 -0.85 -26.92 23.33
C TRP B 354 0.22 -26.77 24.40
N LYS B 355 -0.13 -26.06 25.47
CA LYS B 355 0.80 -25.81 26.57
C LYS B 355 1.18 -27.09 27.29
CO CNC C . 0.84 -16.13 -0.31
N21 CNC C . 2.02 -15.98 1.14
N22 CNC C . 2.29 -16.76 -1.39
N23 CNC C . -0.51 -16.26 -1.64
N24 CNC C . -0.49 -15.77 0.98
C1 CNC C . 1.50 -15.26 2.33
C20 CNC C . 1.61 -13.75 2.10
C2 CNC C . 2.46 -15.79 3.46
C25 CNC C . 2.67 -14.75 4.58
C26 CNC C . 1.93 -17.10 4.08
C27 CNC C . 2.98 -17.92 4.83
O28 CNC C . 3.66 -18.75 4.21
N29 CNC C . 3.11 -17.73 6.12
C3 CNC C . 3.75 -16.16 2.69
C30 CNC C . 4.90 -15.12 2.71
C31 CNC C . 6.15 -15.82 3.18
C32 CNC C . 7.45 -15.06 3.14
O34 CNC C . 7.77 -14.72 1.99
N33 CNC C . 8.15 -14.81 4.21
C4 CNC C . 3.18 -16.50 1.34
C5 CNC C . 3.91 -17.27 0.34
C35 CNC C . 4.74 -18.35 1.03
C6 CNC C . 3.51 -17.28 -0.95
C7 CNC C . 4.16 -17.97 -2.19
C36 CNC C . 5.68 -18.07 -2.37
C37 CNC C . 3.53 -19.40 -2.29
C38 CNC C . 3.45 -20.01 -3.65
O39 CNC C . 2.38 -20.05 -4.27
N40 CNC C . 4.52 -20.48 -4.19
C8 CNC C . 3.53 -17.17 -3.36
C41 CNC C . 4.36 -15.94 -3.72
C42 CNC C . 3.87 -15.20 -4.96
C43 CNC C . 4.98 -15.15 -6.01
O44 CNC C . 5.66 -16.13 -6.20
N45 CNC C . 5.13 -14.03 -6.64
C9 CNC C . 2.21 -16.78 -2.73
C10 CNC C . 1.05 -16.62 -3.44
C11 CNC C . -0.22 -16.65 -2.90
C12 CNC C . -1.19 -17.72 -3.25
C46 CNC C . -1.29 -17.70 -4.81
C47 CNC C . -0.69 -19.09 -2.79
C13 CNC C . -2.46 -17.16 -2.60
C48 CNC C . -3.28 -16.21 -3.48
C49 CNC C . -2.94 -14.70 -3.39
C50 CNC C . -2.02 -14.33 -4.54
O51 CNC C . -0.98 -13.73 -4.32
N52 CNC C . -2.38 -14.69 -5.77
C14 CNC C . -1.88 -16.38 -1.43
C15 CNC C . -2.53 -16.23 -0.21
C53 CNC C . -3.85 -16.92 -0.13
C16 CNC C . -1.78 -15.81 0.95
C17 CNC C . -2.32 -15.33 2.33
C54 CNC C . -2.79 -16.55 3.14
C55 CNC C . -3.40 -14.24 2.37
C56 CNC C . -3.04 -12.94 1.62
C57 CNC C . -4.25 -12.02 1.49
O58 CNC C . -5.02 -12.19 0.54
N59 CNC C . -4.41 -11.08 2.41
C18 CNC C . -1.03 -14.75 2.97
C60 CNC C . -0.98 -14.78 4.49
C61 CNC C . -0.66 -13.50 5.23
O63 CNC C . -0.96 -12.38 4.75
N62 CNC C . -0.08 -13.65 6.38
C19 CNC C . 0.01 -15.67 2.35
C1P CNC C . -5.54 -10.16 2.34
C2P CNC C . -5.19 -8.86 1.61
C3P CNC C . -5.71 -7.65 2.34
O3 CNC C . -3.77 -8.76 1.56
O4 CNC C . -3.76 -7.07 -0.26
O5 CNC C . -1.62 -7.66 0.97
P CNC C . -2.93 -8.06 0.44
O2 CNC C . -2.75 -9.30 -0.56
C3R CNC C . -1.72 -9.40 -1.54
C2R CNC C . -0.42 -9.92 -0.99
O7R CNC C . -0.40 -10.53 0.25
C1R CNC C . 0.00 -10.88 -2.08
O6R CNC C . -1.20 -11.51 -2.40
C4R CNC C . -2.15 -10.46 -2.54
C5R CNC C . -2.35 -10.10 -3.99
O8R CNC C . -1.31 -9.20 -4.45
N1B CNC C . 1.00 -11.84 -1.76
C8B CNC C . 2.38 -11.65 -1.91
C2B CNC C . 0.85 -13.09 -1.31
N3B CNC C . 2.01 -13.73 -1.13
C9B CNC C . 2.99 -12.83 -1.50
C4B CNC C . 4.40 -12.95 -1.53
C5B CNC C . 5.10 -11.83 -1.98
C5M CNC C . 6.61 -11.90 -2.03
C6B CNC C . 4.43 -10.64 -2.38
C6M CNC C . 5.24 -9.45 -2.86
C7B CNC C . 3.07 -10.53 -2.35
N1A CNC C . 0.27 -19.05 0.49
C1A CNC C . 0.48 -17.97 0.20
#